data_5YX1
#
_entry.id   5YX1
#
_cell.length_a   48.447
_cell.length_b   47.119
_cell.length_c   91.924
_cell.angle_alpha   92.200
_cell.angle_beta   98.670
_cell.angle_gamma   90.000
#
_symmetry.space_group_name_H-M   'P 1'
#
loop_
_entity.id
_entity.type
_entity.pdbx_description
1 polymer 'Hematopoietic prostaglandin D synthase'
2 non-polymer 'MAGNESIUM ION'
3 non-polymer GLUTATHIONE
4 non-polymer "ethyl 4-[(8R)-3,8-dimethyl-4-oxo-4,6,7,8,9,10-hexahydrothieno[2',3':4,5]pyrimido[1,2-a]azepin-2-yl]carbamoylpiperazine-1-carboxylate"
5 non-polymer GLYCEROL
6 water water
#
_entity_poly.entity_id   1
_entity_poly.type   'polypeptide(L)'
_entity_poly.pdbx_seq_one_letter_code
;PNYKLTYFNMRGRAEIIRYIFAYLDIQYEDHRIEQADWPEIKSTLPFGKIPILEVDGLTLHQSLAIARYLTKNTDLAGNT
EMEQCHVDAIVDTLDDFMSCFPWAEKKQDVKEQMFNELLTYNAPHLMQDLDTYLGGREWLIGNSVTWADFYWEICSTTLL
VFKPDLLDNHPRLVTLRKKVQAIPAVANWIKRRPQTKL
;
_entity_poly.pdbx_strand_id   A,B,C,D
#
# COMPACT_ATOMS: atom_id res chain seq x y z
N PRO A 1 36.97 17.41 28.51
CA PRO A 1 36.99 16.93 27.13
C PRO A 1 37.56 17.99 26.22
N ASN A 2 38.20 17.56 25.14
CA ASN A 2 38.73 18.48 24.17
C ASN A 2 37.67 18.71 23.09
N TYR A 3 37.11 19.92 23.10
CA TYR A 3 36.06 20.29 22.16
C TYR A 3 36.55 21.18 21.03
N LYS A 4 36.21 20.80 19.81
CA LYS A 4 36.38 21.64 18.63
C LYS A 4 35.09 21.70 17.78
N LEU A 5 34.55 22.91 17.70
CA LEU A 5 33.31 23.17 16.96
C LEU A 5 33.71 23.73 15.62
N THR A 6 33.14 23.19 14.54
CA THR A 6 33.36 23.71 13.19
C THR A 6 32.08 24.20 12.52
N TYR A 7 32.11 25.42 12.03
CA TYR A 7 30.98 26.03 11.35
C TYR A 7 31.50 27.18 10.51
N PHE A 8 30.62 27.80 9.73
CA PHE A 8 30.95 29.06 9.05
C PHE A 8 31.15 30.17 10.08
N ASN A 9 31.70 31.30 9.66
CA ASN A 9 31.75 32.47 10.50
C ASN A 9 30.38 33.13 10.51
N MET A 10 29.51 32.61 11.38
CA MET A 10 28.20 33.20 11.63
C MET A 10 27.61 32.49 12.83
N ARG A 11 26.53 33.04 13.37
CA ARG A 11 25.87 32.46 14.55
C ARG A 11 25.18 31.20 14.04
N GLY A 12 24.25 31.38 13.13
CA GLY A 12 23.53 30.30 12.45
C GLY A 12 23.13 29.17 13.35
N ARG A 13 23.40 27.95 12.87
CA ARG A 13 23.07 26.75 13.61
C ARG A 13 24.11 26.34 14.67
N ALA A 14 25.27 27.01 14.74
CA ALA A 14 26.28 26.71 15.78
C ALA A 14 26.06 27.52 17.06
N GLU A 15 25.32 28.61 16.94
CA GLU A 15 25.24 29.56 18.04
C GLU A 15 24.71 28.97 19.32
N ILE A 16 23.73 28.05 19.23
CA ILE A 16 23.23 27.41 20.43
C ILE A 16 24.34 26.68 21.24
N ILE A 17 25.24 26.02 20.50
CA ILE A 17 26.35 25.27 21.08
C ILE A 17 27.31 26.26 21.77
N ARG A 18 27.59 27.35 21.07
CA ARG A 18 28.42 28.42 21.64
C ARG A 18 27.86 29.03 22.95
N TYR A 19 26.55 29.28 23.02
CA TYR A 19 25.94 29.74 24.28
C TYR A 19 26.08 28.71 25.40
N ILE A 20 25.88 27.44 25.08
CA ILE A 20 25.92 26.38 26.07
C ILE A 20 27.34 26.33 26.62
N PHE A 21 28.33 26.37 25.74
CA PHE A 21 29.73 26.34 26.20
C PHE A 21 30.04 27.54 27.07
N ALA A 22 29.53 28.71 26.71
CA ALA A 22 29.79 29.90 27.53
C ALA A 22 29.14 29.83 28.91
N TYR A 23 27.88 29.41 28.95
CA TYR A 23 27.13 29.34 30.20
C TYR A 23 27.77 28.34 31.14
N LEU A 24 28.23 27.22 30.59
CA LEU A 24 28.80 26.14 31.39
C LEU A 24 30.29 26.33 31.67
N ASP A 25 30.86 27.41 31.14
CA ASP A 25 32.30 27.73 31.31
C ASP A 25 33.17 26.57 30.82
N ILE A 26 32.77 26.01 29.69
CA ILE A 26 33.56 24.97 29.02
C ILE A 26 34.39 25.62 27.92
N GLN A 27 35.70 25.46 27.99
CA GLN A 27 36.58 25.90 26.91
C GLN A 27 36.46 24.98 25.70
N TYR A 28 36.66 25.58 24.53
CA TYR A 28 36.51 24.90 23.22
C TYR A 28 37.18 25.71 22.12
N GLU A 29 37.56 25.02 21.05
CA GLU A 29 38.04 25.71 19.86
C GLU A 29 36.86 26.10 18.96
N ASP A 30 36.69 27.40 18.75
CA ASP A 30 35.58 27.91 17.95
C ASP A 30 36.04 28.07 16.51
N HIS A 31 36.11 26.97 15.79
CA HIS A 31 36.69 26.97 14.45
C HIS A 31 35.68 27.44 13.39
N ARG A 32 36.01 28.57 12.76
CA ARG A 32 35.16 29.18 11.74
C ARG A 32 35.81 29.08 10.36
N ILE A 33 35.16 28.40 9.42
CA ILE A 33 35.74 28.15 8.09
C ILE A 33 35.26 29.15 7.05
N GLU A 34 36.12 29.41 6.06
CA GLU A 34 35.77 30.17 4.86
C GLU A 34 35.03 29.28 3.88
N GLN A 35 34.21 29.89 3.03
CA GLN A 35 33.50 29.16 1.98
C GLN A 35 34.48 28.38 1.09
N ALA A 36 35.62 29.01 0.79
CA ALA A 36 36.64 28.40 -0.04
C ALA A 36 37.19 27.10 0.54
N ASP A 37 37.23 27.00 1.88
CA ASP A 37 37.78 25.84 2.58
C ASP A 37 36.75 24.71 2.74
N TRP A 38 35.49 24.98 2.41
CA TRP A 38 34.37 24.09 2.76
C TRP A 38 34.34 22.78 1.94
N PRO A 39 34.21 22.88 0.60
CA PRO A 39 34.21 21.67 -0.25
C PRO A 39 35.17 20.58 0.18
N GLU A 40 36.41 20.96 0.51
CA GLU A 40 37.43 19.98 0.93
C GLU A 40 37.07 19.34 2.28
N ILE A 41 36.58 20.16 3.22
CA ILE A 41 36.14 19.68 4.53
C ILE A 41 34.87 18.83 4.41
N LYS A 42 33.92 19.29 3.60
CA LYS A 42 32.64 18.62 3.38
C LYS A 42 32.81 17.15 2.99
N SER A 43 33.84 16.87 2.19
CA SER A 43 34.14 15.51 1.73
C SER A 43 34.59 14.56 2.84
N THR A 44 35.11 15.08 3.94
CA THR A 44 35.57 14.24 5.06
C THR A 44 34.42 13.88 6.01
N LEU A 45 33.29 14.56 5.86
CA LEU A 45 32.18 14.46 6.81
C LEU A 45 31.16 13.40 6.39
N PRO A 46 30.84 12.45 7.30
CA PRO A 46 29.82 11.45 7.04
C PRO A 46 28.52 11.97 6.38
N PHE A 47 27.97 13.10 6.83
CA PHE A 47 26.74 13.64 6.23
C PHE A 47 26.89 14.97 5.50
N GLY A 48 28.13 15.44 5.39
CA GLY A 48 28.44 16.61 4.57
C GLY A 48 27.79 17.91 4.98
N LYS A 49 27.46 18.06 6.26
CA LYS A 49 26.87 19.30 6.77
C LYS A 49 27.58 19.78 8.04
N ILE A 50 27.50 21.08 8.29
CA ILE A 50 28.00 21.65 9.54
C ILE A 50 26.85 22.38 10.23
N PRO A 51 26.93 22.54 11.56
CA PRO A 51 28.08 22.31 12.41
C PRO A 51 28.39 20.85 12.71
N ILE A 52 29.67 20.59 13.00
CA ILE A 52 30.11 19.36 13.66
C ILE A 52 30.84 19.75 14.94
N LEU A 53 30.82 18.85 15.92
CA LEU A 53 31.60 19.04 17.13
C LEU A 53 32.47 17.82 17.31
N GLU A 54 33.78 18.04 17.37
CA GLU A 54 34.75 16.99 17.63
C GLU A 54 34.95 16.97 19.13
N VAL A 55 34.76 15.79 19.72
CA VAL A 55 34.90 15.59 21.16
C VAL A 55 36.02 14.58 21.34
N ASP A 56 37.19 15.05 21.78
CA ASP A 56 38.31 14.14 21.96
C ASP A 56 38.55 13.32 20.70
N GLY A 57 38.48 13.98 19.54
CA GLY A 57 38.72 13.33 18.24
C GLY A 57 37.52 12.67 17.58
N LEU A 58 36.45 12.42 18.34
CA LEU A 58 35.23 11.79 17.80
C LEU A 58 34.31 12.87 17.29
N THR A 59 33.83 12.71 16.05
CA THR A 59 32.97 13.71 15.39
C THR A 59 31.45 13.47 15.63
N LEU A 60 30.81 14.49 16.18
CA LEU A 60 29.35 14.54 16.32
C LEU A 60 28.80 15.53 15.29
N HIS A 61 27.56 15.32 14.87
CA HIS A 61 26.90 16.27 13.95
C HIS A 61 25.48 16.49 14.42
N GLN A 62 24.78 17.43 13.75
CA GLN A 62 23.41 17.85 14.05
C GLN A 62 23.40 18.76 15.29
N SER A 63 23.17 20.04 15.04
CA SER A 63 23.31 21.07 16.08
C SER A 63 22.52 20.81 17.35
N LEU A 64 21.28 20.39 17.21
CA LEU A 64 20.42 20.16 18.36
C LEU A 64 20.74 18.84 19.06
N ALA A 65 21.17 17.82 18.31
CA ALA A 65 21.67 16.59 18.89
C ALA A 65 22.86 16.90 19.79
N ILE A 66 23.76 17.72 19.26
CA ILE A 66 24.96 18.12 20.03
C ILE A 66 24.59 18.95 21.26
N ALA A 67 23.67 19.90 21.08
CA ALA A 67 23.23 20.72 22.19
C ALA A 67 22.64 19.88 23.32
N ARG A 68 21.80 18.89 23.00
CA ARG A 68 21.22 18.03 23.98
C ARG A 68 22.30 17.22 24.68
N TYR A 69 23.27 16.71 23.93
CA TYR A 69 24.40 15.93 24.50
C TYR A 69 25.14 16.75 25.56
N LEU A 70 25.37 18.02 25.22
CA LEU A 70 26.12 18.93 26.09
C LEU A 70 25.36 19.34 27.33
N THR A 71 24.04 19.39 27.24
CA THR A 71 23.24 19.90 28.35
C THR A 71 22.63 18.87 29.28
N LYS A 72 22.72 17.59 28.92
CA LYS A 72 22.23 16.51 29.78
C LYS A 72 23.04 16.52 31.06
N ASN A 73 22.39 16.28 32.19
CA ASN A 73 23.10 16.31 33.47
C ASN A 73 23.55 17.72 33.90
N THR A 74 23.11 18.75 33.18
CA THR A 74 23.39 20.14 33.58
C THR A 74 22.11 20.87 33.98
N ASP A 75 22.29 22.07 34.53
CA ASP A 75 21.15 22.89 34.96
C ASP A 75 20.39 23.52 33.79
N LEU A 76 20.92 23.40 32.58
CA LEU A 76 20.20 23.81 31.36
C LEU A 76 19.19 22.77 30.85
N ALA A 77 19.22 21.55 31.37
CA ALA A 77 18.20 20.56 31.08
C ALA A 77 16.92 20.82 31.90
N GLY A 78 15.81 20.32 31.40
CA GLY A 78 14.58 20.31 32.18
C GLY A 78 14.75 19.42 33.40
N ASN A 79 13.94 19.71 34.41
CA ASN A 79 14.08 19.07 35.74
C ASN A 79 13.34 17.73 35.94
N THR A 80 12.52 17.34 34.96
CA THR A 80 11.93 16.01 34.88
C THR A 80 12.01 15.59 33.43
N GLU A 81 11.77 14.32 33.16
CA GLU A 81 11.72 13.84 31.79
C GLU A 81 10.64 14.57 31.00
N MET A 82 9.52 14.88 31.64
CA MET A 82 8.43 15.56 30.92
C MET A 82 8.93 16.95 30.56
N GLU A 83 9.56 17.66 31.51
CA GLU A 83 10.09 18.99 31.22
C GLU A 83 11.21 18.95 30.17
N GLN A 84 12.04 17.89 30.17
CA GLN A 84 13.01 17.70 29.08
C GLN A 84 12.30 17.59 27.75
N CYS A 85 11.16 16.90 27.71
CA CYS A 85 10.35 16.82 26.48
C CYS A 85 9.89 18.21 26.05
N HIS A 86 9.38 19.01 26.99
CA HIS A 86 8.98 20.39 26.68
C HIS A 86 10.15 21.22 26.09
N VAL A 87 11.33 21.06 26.65
CA VAL A 87 12.52 21.75 26.13
C VAL A 87 12.75 21.35 24.68
N ASP A 88 12.84 20.06 24.44
CA ASP A 88 13.09 19.51 23.11
C ASP A 88 12.02 19.97 22.14
N ALA A 89 10.78 20.02 22.59
CA ALA A 89 9.67 20.36 21.70
C ALA A 89 9.71 21.83 21.32
N ILE A 90 9.91 22.71 22.28
CA ILE A 90 10.02 24.15 21.96
C ILE A 90 11.16 24.37 20.97
N VAL A 91 12.30 23.73 21.21
CA VAL A 91 13.45 23.93 20.32
C VAL A 91 13.11 23.43 18.91
N ASP A 92 12.49 22.26 18.78
CA ASP A 92 12.09 21.78 17.44
C ASP A 92 11.05 22.69 16.78
N THR A 93 10.13 23.26 17.55
CA THR A 93 9.16 24.20 17.01
C THR A 93 9.87 25.39 16.41
N LEU A 94 10.83 25.94 17.15
CA LEU A 94 11.61 27.08 16.63
C LEU A 94 12.46 26.66 15.45
N ASP A 95 13.06 25.48 15.50
CA ASP A 95 13.94 25.03 14.43
C ASP A 95 13.16 24.74 13.15
N ASP A 96 11.93 24.25 13.29
CA ASP A 96 11.12 23.98 12.12
C ASP A 96 10.84 25.30 11.39
N PHE A 97 10.55 26.35 12.13
CA PHE A 97 10.26 27.63 11.52
C PHE A 97 11.52 28.19 10.88
N MET A 98 12.63 28.20 11.57
CA MET A 98 13.86 28.73 10.98
C MET A 98 14.23 27.96 9.71
N SER A 99 13.95 26.66 9.70
CA SER A 99 14.35 25.82 8.58
C SER A 99 13.42 26.01 7.37
N CYS A 100 12.25 26.63 7.57
CA CYS A 100 11.35 27.00 6.47
C CYS A 100 11.96 28.05 5.55
N PHE A 101 12.86 28.88 6.07
CA PHE A 101 13.42 29.95 5.27
C PHE A 101 14.44 29.39 4.29
N PRO A 102 14.38 29.84 3.02
CA PRO A 102 15.33 29.38 2.02
C PRO A 102 16.62 30.19 2.06
N TRP A 103 17.42 29.94 3.10
CA TRP A 103 18.64 30.69 3.36
C TRP A 103 19.64 30.60 2.19
N ALA A 104 19.66 29.47 1.50
CA ALA A 104 20.65 29.20 0.46
C ALA A 104 20.07 29.25 -0.96
N GLU A 105 18.85 29.74 -1.11
CA GLU A 105 18.21 29.80 -2.43
C GLU A 105 18.96 30.77 -3.36
N LYS A 106 19.23 30.30 -4.57
CA LYS A 106 19.93 31.09 -5.59
C LYS A 106 18.96 31.88 -6.46
N LYS A 107 17.73 31.40 -6.63
CA LYS A 107 16.69 32.18 -7.32
C LYS A 107 16.17 33.26 -6.38
N GLN A 108 16.62 34.50 -6.63
CA GLN A 108 16.50 35.58 -5.65
C GLN A 108 15.08 36.14 -5.46
N ASP A 109 14.26 36.10 -6.51
CA ASP A 109 12.87 36.57 -6.40
C ASP A 109 11.97 35.54 -5.70
N VAL A 110 12.29 34.26 -5.87
CA VAL A 110 11.59 33.18 -5.18
C VAL A 110 12.02 33.13 -3.70
N LYS A 111 13.29 33.42 -3.44
CA LYS A 111 13.78 33.55 -2.07
C LYS A 111 13.10 34.73 -1.35
N GLU A 112 13.12 35.89 -2.01
CA GLU A 112 12.54 37.12 -1.46
C GLU A 112 11.06 36.95 -1.12
N GLN A 113 10.30 36.41 -2.06
CA GLN A 113 8.87 36.24 -1.87
C GLN A 113 8.56 35.20 -0.77
N MET A 114 9.39 34.16 -0.67
CA MET A 114 9.24 33.18 0.40
C MET A 114 9.50 33.79 1.76
N PHE A 115 10.62 34.52 1.89
CA PHE A 115 10.94 35.23 3.14
C PHE A 115 9.79 36.11 3.60
N ASN A 116 9.26 36.90 2.67
CA ASN A 116 8.21 37.84 3.02
C ASN A 116 6.91 37.16 3.37
N GLU A 117 6.61 36.01 2.76
CA GLU A 117 5.39 35.27 3.12
C GLU A 117 5.54 34.63 4.52
N LEU A 118 6.69 34.03 4.79
CA LEU A 118 6.95 33.44 6.12
C LEU A 118 6.90 34.48 7.23
N LEU A 119 7.48 35.65 6.98
CA LEU A 119 7.54 36.72 7.97
C LEU A 119 6.19 37.39 8.18
N THR A 120 5.44 37.53 7.10
CA THR A 120 4.20 38.27 7.18
C THR A 120 3.06 37.40 7.70
N TYR A 121 3.04 36.14 7.27
CA TYR A 121 1.89 35.30 7.55
C TYR A 121 2.18 34.22 8.60
N ASN A 122 3.35 33.61 8.55
CA ASN A 122 3.65 32.53 9.50
C ASN A 122 4.16 33.04 10.84
N ALA A 123 5.10 33.97 10.82
CA ALA A 123 5.77 34.38 12.06
C ALA A 123 4.80 34.89 13.13
N PRO A 124 3.80 35.70 12.76
CA PRO A 124 2.94 36.22 13.84
C PRO A 124 2.17 35.12 14.57
N HIS A 125 1.81 34.04 13.87
CA HIS A 125 1.10 32.94 14.52
C HIS A 125 1.97 32.23 15.55
N LEU A 126 3.21 32.00 15.16
CA LEU A 126 4.19 31.39 16.05
C LEU A 126 4.47 32.29 17.26
N MET A 127 4.61 33.59 17.04
CA MET A 127 4.85 34.50 18.17
C MET A 127 3.68 34.48 19.13
N GLN A 128 2.46 34.46 18.60
CA GLN A 128 1.30 34.38 19.47
C GLN A 128 1.29 33.07 20.29
N ASP A 129 1.59 31.95 19.62
CA ASP A 129 1.66 30.66 20.29
C ASP A 129 2.74 30.62 21.38
N LEU A 130 3.93 31.18 21.10
CA LEU A 130 5.01 31.22 22.09
C LEU A 130 4.63 32.10 23.27
N ASP A 131 4.01 33.23 22.97
CA ASP A 131 3.57 34.16 24.02
C ASP A 131 2.53 33.47 24.91
N THR A 132 1.55 32.81 24.31
CA THR A 132 0.58 32.06 25.10
C THR A 132 1.22 30.93 25.92
N TYR A 133 2.17 30.24 25.31
CA TYR A 133 2.88 29.17 25.99
C TYR A 133 3.64 29.70 27.21
N LEU A 134 4.36 30.81 27.05
CA LEU A 134 5.09 31.40 28.16
C LEU A 134 4.17 31.93 29.27
N GLY A 135 3.06 32.52 28.89
CA GLY A 135 2.18 33.20 29.84
C GLY A 135 2.97 34.21 30.67
N GLY A 136 2.65 34.30 31.96
CA GLY A 136 3.40 35.18 32.86
C GLY A 136 4.59 34.53 33.56
N ARG A 137 4.99 33.32 33.14
CA ARG A 137 6.14 32.64 33.73
C ARG A 137 7.45 33.34 33.38
N GLU A 138 8.47 33.06 34.16
CA GLU A 138 9.75 33.70 33.98
C GLU A 138 10.54 33.11 32.81
N TRP A 139 10.53 31.77 32.68
CA TRP A 139 11.26 31.04 31.64
C TRP A 139 10.27 30.14 30.91
N LEU A 140 10.63 29.68 29.71
CA LEU A 140 9.71 28.83 28.93
C LEU A 140 9.32 27.49 29.61
N ILE A 141 10.30 26.86 30.23
CA ILE A 141 10.12 25.55 30.90
C ILE A 141 10.62 25.62 32.34
N GLY A 142 9.77 25.15 33.27
CA GLY A 142 10.15 25.02 34.65
C GLY A 142 10.37 26.34 35.36
N ASN A 143 11.21 26.30 36.39
CA ASN A 143 11.43 27.47 37.26
C ASN A 143 12.79 28.12 37.07
N SER A 144 13.54 27.68 36.07
CA SER A 144 14.86 28.23 35.81
C SER A 144 15.19 28.14 34.32
N VAL A 145 16.21 28.88 33.91
CA VAL A 145 16.61 28.92 32.50
C VAL A 145 16.93 27.50 32.00
N THR A 146 16.53 27.25 30.75
CA THR A 146 16.96 26.05 30.00
C THR A 146 17.50 26.47 28.64
N TRP A 147 18.10 25.53 27.92
CA TRP A 147 18.62 25.86 26.61
C TRP A 147 17.51 26.19 25.60
N ALA A 148 16.24 25.89 25.90
CA ALA A 148 15.11 26.39 25.08
C ALA A 148 15.05 27.90 25.12
N ASP A 149 15.30 28.49 26.28
CA ASP A 149 15.34 29.96 26.39
C ASP A 149 16.47 30.56 25.55
N PHE A 150 17.62 29.92 25.58
CA PHE A 150 18.72 30.33 24.73
C PHE A 150 18.31 30.29 23.25
N TYR A 151 17.65 29.20 22.85
CA TYR A 151 17.33 29.03 21.45
C TYR A 151 16.28 30.04 21.02
N TRP A 152 15.34 30.37 21.90
CA TRP A 152 14.44 31.50 21.64
C TRP A 152 15.19 32.80 21.38
N GLU A 153 16.15 33.14 22.24
CA GLU A 153 16.87 34.42 22.11
C GLU A 153 17.67 34.41 20.80
N ILE A 154 18.27 33.27 20.48
CA ILE A 154 19.07 33.12 19.28
C ILE A 154 18.23 33.23 18.02
N CYS A 155 17.16 32.44 17.94
CA CYS A 155 16.29 32.48 16.77
C CYS A 155 15.66 33.86 16.54
N SER A 156 15.16 34.44 17.61
CA SER A 156 14.53 35.75 17.54
C SER A 156 15.52 36.83 17.13
N THR A 157 16.79 36.70 17.50
CA THR A 157 17.82 37.67 17.08
C THR A 157 17.83 37.76 15.55
N THR A 158 17.91 36.62 14.89
CA THR A 158 17.92 36.60 13.44
C THR A 158 16.60 37.04 12.85
N LEU A 159 15.48 36.60 13.43
CA LEU A 159 14.18 37.01 12.90
C LEU A 159 14.01 38.53 12.97
N LEU A 160 14.49 39.16 14.03
CA LEU A 160 14.36 40.62 14.21
C LEU A 160 15.17 41.41 13.19
N VAL A 161 16.24 40.83 12.67
CA VAL A 161 16.94 41.48 11.54
C VAL A 161 15.99 41.68 10.37
N PHE A 162 15.21 40.65 10.05
CA PHE A 162 14.34 40.66 8.87
C PHE A 162 12.93 41.16 9.13
N LYS A 163 12.53 41.20 10.40
CA LYS A 163 11.21 41.64 10.80
C LYS A 163 11.34 42.41 12.10
N PRO A 164 11.75 43.70 12.01
CA PRO A 164 11.96 44.47 13.24
C PRO A 164 10.74 44.65 14.14
N ASP A 165 9.54 44.55 13.58
CA ASP A 165 8.32 44.65 14.36
C ASP A 165 7.80 43.33 14.94
N LEU A 166 8.60 42.28 14.80
CA LEU A 166 8.22 40.93 15.25
C LEU A 166 7.53 40.85 16.61
N LEU A 167 8.08 41.57 17.59
CA LEU A 167 7.65 41.42 18.97
C LEU A 167 6.92 42.65 19.52
N ASP A 168 6.46 43.53 18.62
CA ASP A 168 5.73 44.73 19.04
C ASP A 168 4.51 44.39 19.89
N ASN A 169 3.83 43.29 19.55
CA ASN A 169 2.66 42.85 20.32
C ASN A 169 2.98 41.80 21.39
N HIS A 170 4.26 41.56 21.68
CA HIS A 170 4.68 40.47 22.56
C HIS A 170 5.79 40.91 23.52
N PRO A 171 5.50 41.94 24.31
CA PRO A 171 6.48 42.40 25.31
C PRO A 171 7.01 41.29 26.24
N ARG A 172 6.18 40.29 26.57
CA ARG A 172 6.69 39.24 27.45
C ARG A 172 7.80 38.41 26.78
N LEU A 173 7.74 38.27 25.45
CA LEU A 173 8.82 37.61 24.73
C LEU A 173 10.09 38.46 24.65
N VAL A 174 9.92 39.79 24.65
CA VAL A 174 11.05 40.69 24.75
C VAL A 174 11.73 40.61 26.10
N THR A 175 10.93 40.59 27.16
CA THR A 175 11.43 40.43 28.51
C THR A 175 12.26 39.18 28.66
N LEU A 176 11.78 38.08 28.07
CA LEU A 176 12.50 36.82 28.10
C LEU A 176 13.85 36.94 27.41
N ARG A 177 13.85 37.49 26.20
CA ARG A 177 15.09 37.69 25.46
C ARG A 177 16.12 38.46 26.31
N LYS A 178 15.65 39.54 26.92
CA LYS A 178 16.56 40.38 27.70
C LYS A 178 17.11 39.67 28.92
N LYS A 179 16.29 38.81 29.52
CA LYS A 179 16.75 38.03 30.66
C LYS A 179 17.88 37.08 30.27
N VAL A 180 17.73 36.40 29.14
CA VAL A 180 18.79 35.56 28.66
C VAL A 180 20.08 36.35 28.39
N GLN A 181 19.90 37.49 27.70
CA GLN A 181 20.98 38.41 27.39
C GLN A 181 21.70 38.93 28.63
N ALA A 182 21.00 39.00 29.75
CA ALA A 182 21.57 39.51 31.01
C ALA A 182 22.35 38.47 31.81
N ILE A 183 22.20 37.19 31.48
CA ILE A 183 22.96 36.15 32.16
C ILE A 183 24.44 36.44 31.93
N PRO A 184 25.22 36.60 33.02
CA PRO A 184 26.57 37.16 32.80
C PRO A 184 27.47 36.42 31.79
N ALA A 185 27.52 35.09 31.85
CA ALA A 185 28.31 34.33 30.88
C ALA A 185 27.80 34.50 29.43
N VAL A 186 26.47 34.63 29.29
CA VAL A 186 25.88 34.86 27.96
C VAL A 186 26.16 36.28 27.52
N ALA A 187 25.98 37.23 28.43
CA ALA A 187 26.29 38.63 28.17
C ALA A 187 27.73 38.80 27.66
N ASN A 188 28.65 38.12 28.34
CA ASN A 188 30.06 38.18 27.97
C ASN A 188 30.32 37.62 26.59
N TRP A 189 29.69 36.49 26.28
CA TRP A 189 29.84 35.92 24.95
C TRP A 189 29.27 36.84 23.87
N ILE A 190 28.05 37.36 24.10
CA ILE A 190 27.41 38.29 23.15
C ILE A 190 28.25 39.55 22.90
N LYS A 191 28.90 40.06 23.95
CA LYS A 191 29.79 41.22 23.82
C LYS A 191 31.00 40.89 22.95
N ARG A 192 31.57 39.71 23.16
CA ARG A 192 32.87 39.33 22.60
C ARG A 192 32.76 38.66 21.24
N ARG A 193 31.63 38.01 20.97
CA ARG A 193 31.52 37.15 19.78
C ARG A 193 31.68 37.94 18.50
N PRO A 194 32.13 37.28 17.42
CA PRO A 194 32.23 37.97 16.14
C PRO A 194 30.89 38.54 15.72
N GLN A 195 30.91 39.76 15.20
CA GLN A 195 29.72 40.39 14.69
C GLN A 195 29.52 39.93 13.27
N THR A 196 28.39 39.24 13.06
CA THR A 196 28.02 38.71 11.78
C THR A 196 26.53 38.96 11.63
N LYS A 197 26.06 39.00 10.40
CA LYS A 197 24.64 39.20 10.14
C LYS A 197 23.73 38.04 10.62
N LEU A 198 24.01 36.83 10.12
CA LEU A 198 23.29 35.60 10.47
C LEU A 198 24.07 34.85 11.54
N PRO B 1 0.65 5.15 32.93
CA PRO B 1 0.21 6.42 32.44
C PRO B 1 -0.98 6.22 31.56
N ASN B 2 -1.77 7.26 31.42
CA ASN B 2 -2.78 7.29 30.40
C ASN B 2 -2.28 8.12 29.23
N TYR B 3 -2.30 7.51 28.06
CA TYR B 3 -1.72 8.11 26.85
C TYR B 3 -2.78 8.24 25.77
N LYS B 4 -2.87 9.42 25.17
CA LYS B 4 -3.76 9.63 24.04
C LYS B 4 -2.96 10.37 22.98
N LEU B 5 -2.74 9.68 21.86
CA LEU B 5 -2.03 10.20 20.68
C LEU B 5 -3.06 10.78 19.71
N THR B 6 -2.90 12.02 19.29
CA THR B 6 -3.81 12.61 18.29
C THR B 6 -3.00 12.90 17.03
N TYR B 7 -3.52 12.42 15.91
CA TYR B 7 -2.91 12.66 14.62
C TYR B 7 -3.97 12.47 13.54
N PHE B 8 -3.59 12.68 12.29
CA PHE B 8 -4.45 12.25 11.16
C PHE B 8 -4.50 10.72 11.05
N ASN B 9 -5.42 10.21 10.26
CA ASN B 9 -5.42 8.81 9.84
C ASN B 9 -4.39 8.61 8.74
N MET B 10 -3.15 8.51 9.20
CA MET B 10 -1.95 8.43 8.35
C MET B 10 -0.87 7.91 9.27
N ARG B 11 0.13 7.25 8.68
CA ARG B 11 1.36 6.94 9.42
C ARG B 11 2.06 8.24 9.76
N GLY B 12 2.56 8.90 8.73
CA GLY B 12 3.09 10.25 8.84
C GLY B 12 4.07 10.41 10.00
N ARG B 13 3.91 11.54 10.68
CA ARG B 13 4.77 11.92 11.79
C ARG B 13 4.36 11.32 13.13
N ALA B 14 3.24 10.61 13.19
CA ALA B 14 2.88 9.89 14.40
C ALA B 14 3.47 8.49 14.44
N GLU B 15 3.87 7.93 13.30
CA GLU B 15 4.16 6.49 13.26
C GLU B 15 5.35 6.12 14.16
N ILE B 16 6.33 7.00 14.29
CA ILE B 16 7.46 6.68 15.14
C ILE B 16 6.96 6.42 16.57
N ILE B 17 5.99 7.23 17.01
CA ILE B 17 5.42 7.07 18.36
C ILE B 17 4.66 5.73 18.44
N ARG B 18 3.91 5.43 17.41
CA ARG B 18 3.13 4.19 17.37
C ARG B 18 4.04 2.96 17.37
N TYR B 19 5.21 3.03 16.72
CA TYR B 19 6.17 1.91 16.75
C TYR B 19 6.69 1.72 18.15
N ILE B 20 6.98 2.83 18.82
CA ILE B 20 7.56 2.76 20.15
C ILE B 20 6.58 2.12 21.10
N PHE B 21 5.32 2.55 21.06
CA PHE B 21 4.34 1.98 21.94
C PHE B 21 4.18 0.50 21.62
N ALA B 22 4.14 0.10 20.35
CA ALA B 22 4.06 -1.32 20.01
C ALA B 22 5.26 -2.11 20.55
N TYR B 23 6.45 -1.63 20.30
CA TYR B 23 7.64 -2.34 20.70
C TYR B 23 7.70 -2.53 22.22
N LEU B 24 7.33 -1.51 22.97
CA LEU B 24 7.39 -1.52 24.45
C LEU B 24 6.15 -2.15 25.10
N ASP B 25 5.21 -2.54 24.26
CA ASP B 25 3.95 -3.15 24.68
C ASP B 25 3.21 -2.25 25.67
N ILE B 26 2.99 -1.01 25.25
CA ILE B 26 2.30 0.01 26.03
C ILE B 26 0.98 0.31 25.35
N GLN B 27 -0.09 0.27 26.14
CA GLN B 27 -1.44 0.59 25.66
C GLN B 27 -1.59 2.09 25.55
N TYR B 28 -2.32 2.54 24.54
CA TYR B 28 -2.56 3.95 24.35
C TYR B 28 -3.81 4.08 23.47
N GLU B 29 -4.40 5.26 23.50
CA GLU B 29 -5.51 5.61 22.63
C GLU B 29 -4.92 6.22 21.34
N ASP B 30 -5.14 5.55 20.21
CA ASP B 30 -4.67 6.00 18.91
C ASP B 30 -5.78 6.78 18.25
N HIS B 31 -5.86 8.08 18.57
CA HIS B 31 -6.94 8.95 18.12
C HIS B 31 -6.59 9.56 16.77
N ARG B 32 -7.38 9.20 15.78
CA ARG B 32 -7.12 9.59 14.40
C ARG B 32 -8.26 10.51 13.94
N ILE B 33 -7.92 11.75 13.59
CA ILE B 33 -8.91 12.72 13.17
C ILE B 33 -9.05 12.82 11.67
N GLU B 34 -10.21 13.31 11.24
CA GLU B 34 -10.44 13.63 9.83
C GLU B 34 -10.16 15.11 9.61
N GLN B 35 -9.94 15.51 8.36
CA GLN B 35 -9.78 16.93 8.05
C GLN B 35 -10.87 17.79 8.69
N ALA B 36 -12.11 17.31 8.69
CA ALA B 36 -13.25 18.09 9.21
C ALA B 36 -13.15 18.42 10.70
N ASP B 37 -12.37 17.61 11.43
CA ASP B 37 -12.13 17.82 12.86
C ASP B 37 -11.04 18.88 13.09
N TRP B 38 -10.25 19.19 12.06
CA TRP B 38 -8.99 19.98 12.22
C TRP B 38 -9.17 21.31 12.95
N PRO B 39 -10.07 22.19 12.48
CA PRO B 39 -10.18 23.47 13.16
C PRO B 39 -10.46 23.37 14.65
N GLU B 40 -11.39 22.49 15.04
CA GLU B 40 -11.69 22.21 16.44
C GLU B 40 -10.50 21.62 17.22
N ILE B 41 -9.83 20.64 16.61
CA ILE B 41 -8.60 20.06 17.19
C ILE B 41 -7.49 21.09 17.37
N LYS B 42 -7.25 21.85 16.29
CA LYS B 42 -6.12 22.80 16.23
C LYS B 42 -6.22 23.81 17.32
N SER B 43 -7.46 24.24 17.59
CA SER B 43 -7.72 25.30 18.56
C SER B 43 -7.14 25.00 19.94
N THR B 44 -6.88 23.72 20.25
CA THR B 44 -6.28 23.35 21.54
C THR B 44 -4.90 22.66 21.48
N LEU B 45 -4.19 22.79 20.36
CA LEU B 45 -2.81 22.36 20.23
C LEU B 45 -1.90 23.52 20.63
N PRO B 46 -0.74 23.22 21.26
CA PRO B 46 0.10 24.34 21.75
C PRO B 46 0.73 25.17 20.66
N PHE B 47 1.07 24.53 19.55
CA PHE B 47 1.67 25.25 18.46
C PHE B 47 1.02 24.98 17.13
N GLY B 48 -0.27 24.64 17.18
CA GLY B 48 -1.02 24.43 15.99
C GLY B 48 -0.64 23.26 15.12
N LYS B 49 0.12 22.30 15.68
CA LYS B 49 0.54 21.14 14.91
C LYS B 49 0.22 19.83 15.63
N ILE B 50 0.06 18.80 14.82
CA ILE B 50 -0.02 17.42 15.29
C ILE B 50 1.17 16.62 14.73
N PRO B 51 1.58 15.57 15.41
CA PRO B 51 0.92 14.93 16.57
C PRO B 51 1.10 15.65 17.87
N ILE B 52 0.15 15.40 18.77
CA ILE B 52 0.31 15.65 20.20
C ILE B 52 0.07 14.32 20.94
N LEU B 53 0.68 14.21 22.11
CA LEU B 53 0.47 13.08 23.00
C LEU B 53 0.06 13.65 24.37
N GLU B 54 -1.15 13.28 24.81
CA GLU B 54 -1.59 13.63 26.17
C GLU B 54 -1.15 12.52 27.10
N VAL B 55 -0.52 12.95 28.20
CA VAL B 55 0.05 12.05 29.19
C VAL B 55 -0.49 12.45 30.55
N ASP B 56 -1.42 11.65 31.09
CA ASP B 56 -2.01 11.96 32.40
C ASP B 56 -2.47 13.42 32.48
N GLY B 57 -3.18 13.86 31.45
CA GLY B 57 -3.79 15.18 31.41
C GLY B 57 -2.95 16.33 30.90
N LEU B 58 -1.67 16.09 30.62
CA LEU B 58 -0.77 17.14 30.14
C LEU B 58 -0.36 16.83 28.71
N THR B 59 -0.24 17.87 27.90
CA THR B 59 0.02 17.71 26.49
C THR B 59 1.49 17.88 26.15
N LEU B 60 2.01 16.91 25.43
CA LEU B 60 3.29 16.98 24.79
C LEU B 60 3.07 17.17 23.29
N HIS B 61 4.02 17.85 22.66
CA HIS B 61 4.03 17.97 21.23
C HIS B 61 5.41 17.69 20.65
N GLN B 62 5.51 17.67 19.31
CA GLN B 62 6.72 17.41 18.51
C GLN B 62 7.06 15.94 18.50
N SER B 63 6.87 15.33 17.36
CA SER B 63 6.96 13.90 17.24
C SER B 63 8.27 13.32 17.76
N LEU B 64 9.39 13.96 17.46
CA LEU B 64 10.66 13.40 17.84
C LEU B 64 10.96 13.70 19.30
N ALA B 65 10.51 14.86 19.79
CA ALA B 65 10.65 15.13 21.26
C ALA B 65 9.88 14.05 22.04
N ILE B 66 8.68 13.69 21.57
CA ILE B 66 7.86 12.67 22.21
C ILE B 66 8.50 11.29 22.09
N ALA B 67 9.03 10.94 20.92
CA ALA B 67 9.72 9.68 20.72
C ALA B 67 10.89 9.54 21.69
N ARG B 68 11.69 10.60 21.82
CA ARG B 68 12.83 10.63 22.75
C ARG B 68 12.35 10.45 24.21
N TYR B 69 11.27 11.12 24.58
CA TYR B 69 10.66 10.99 25.92
C TYR B 69 10.29 9.54 26.21
N LEU B 70 9.63 8.90 25.25
CA LEU B 70 9.12 7.55 25.44
C LEU B 70 10.22 6.51 25.47
N THR B 71 11.35 6.78 24.86
CA THR B 71 12.43 5.80 24.79
C THR B 71 13.51 5.99 25.83
N LYS B 72 13.49 7.08 26.59
CA LYS B 72 14.47 7.25 27.64
C LYS B 72 14.37 6.10 28.62
N ASN B 73 15.54 5.60 29.02
CA ASN B 73 15.64 4.46 29.92
C ASN B 73 14.92 3.20 29.41
N THR B 74 14.85 3.05 28.09
CA THR B 74 14.47 1.78 27.48
C THR B 74 15.58 1.24 26.60
N ASP B 75 15.40 0.01 26.14
CA ASP B 75 16.33 -0.58 25.23
C ASP B 75 16.35 0.08 23.84
N LEU B 76 15.36 0.93 23.53
CA LEU B 76 15.38 1.66 22.25
C LEU B 76 16.26 2.90 22.27
N ALA B 77 16.69 3.35 23.46
CA ALA B 77 17.63 4.44 23.55
C ALA B 77 19.05 3.96 23.19
N GLY B 78 19.89 4.89 22.80
CA GLY B 78 21.33 4.61 22.70
C GLY B 78 21.85 4.07 24.02
N ASN B 79 22.85 3.20 23.95
CA ASN B 79 23.35 2.51 25.14
C ASN B 79 24.26 3.36 26.03
N THR B 80 24.75 4.46 25.47
CA THR B 80 25.63 5.41 26.13
C THR B 80 25.25 6.82 25.70
N GLU B 81 25.76 7.83 26.39
CA GLU B 81 25.46 9.22 26.05
C GLU B 81 25.92 9.59 24.64
N MET B 82 27.07 9.08 24.25
CA MET B 82 27.57 9.29 22.91
C MET B 82 26.63 8.67 21.88
N GLU B 83 26.25 7.41 22.09
CA GLU B 83 25.35 6.76 21.15
C GLU B 83 24.02 7.45 21.10
N GLN B 84 23.55 7.94 22.23
CA GLN B 84 22.30 8.73 22.27
C GLN B 84 22.40 9.97 21.37
N CYS B 85 23.57 10.59 21.29
CA CYS B 85 23.77 11.73 20.44
C CYS B 85 23.68 11.30 18.97
N HIS B 86 24.31 10.18 18.67
CA HIS B 86 24.26 9.65 17.32
C HIS B 86 22.84 9.25 16.90
N VAL B 87 22.05 8.69 17.82
CA VAL B 87 20.64 8.38 17.54
C VAL B 87 19.90 9.64 17.17
N ASP B 88 20.06 10.65 17.99
CA ASP B 88 19.41 11.92 17.77
C ASP B 88 19.85 12.52 16.43
N ALA B 89 21.13 12.38 16.10
CA ALA B 89 21.65 13.04 14.91
C ALA B 89 21.15 12.36 13.66
N ILE B 90 21.12 11.03 13.63
CA ILE B 90 20.60 10.27 12.48
C ILE B 90 19.14 10.59 12.31
N VAL B 91 18.38 10.62 13.40
CA VAL B 91 16.96 10.97 13.31
C VAL B 91 16.75 12.35 12.72
N ASP B 92 17.52 13.35 13.16
CA ASP B 92 17.39 14.69 12.62
C ASP B 92 17.84 14.79 11.16
N THR B 93 18.84 14.00 10.75
CA THR B 93 19.27 13.96 9.37
C THR B 93 18.14 13.43 8.45
N LEU B 94 17.47 12.38 8.91
CA LEU B 94 16.33 11.83 8.22
C LEU B 94 15.20 12.84 8.21
N ASP B 95 14.94 13.45 9.35
CA ASP B 95 13.78 14.34 9.47
C ASP B 95 13.99 15.59 8.64
N ASP B 96 15.22 16.08 8.60
CA ASP B 96 15.56 17.25 7.77
C ASP B 96 15.19 16.95 6.30
N PHE B 97 15.51 15.77 5.82
CA PHE B 97 15.21 15.47 4.43
C PHE B 97 13.73 15.38 4.20
N MET B 98 13.04 14.69 5.08
CA MET B 98 11.57 14.55 4.98
C MET B 98 10.87 15.93 4.97
N SER B 99 11.40 16.87 5.73
CA SER B 99 10.85 18.21 5.82
C SER B 99 11.01 19.02 4.52
N CYS B 100 11.84 18.55 3.59
CA CYS B 100 12.00 19.24 2.30
C CYS B 100 10.79 19.08 1.39
N PHE B 101 10.00 18.05 1.63
CA PHE B 101 8.92 17.69 0.74
C PHE B 101 7.72 18.58 1.01
N PRO B 102 7.07 19.06 -0.06
CA PRO B 102 5.89 19.93 0.07
C PRO B 102 4.60 19.13 0.27
N TRP B 103 4.47 18.52 1.44
CA TRP B 103 3.38 17.57 1.69
C TRP B 103 1.97 18.16 1.54
N ALA B 104 1.82 19.43 1.83
CA ALA B 104 0.51 20.07 1.82
C ALA B 104 0.27 20.95 0.59
N GLU B 105 1.19 20.91 -0.38
CA GLU B 105 1.05 21.72 -1.58
C GLU B 105 -0.22 21.33 -2.34
N LYS B 106 -1.10 22.32 -2.56
CA LYS B 106 -2.36 22.07 -3.26
C LYS B 106 -2.20 21.95 -4.78
N LYS B 107 -1.24 22.66 -5.35
CA LYS B 107 -0.97 22.55 -6.80
C LYS B 107 -0.24 21.23 -7.11
N GLN B 108 -0.98 20.24 -7.59
CA GLN B 108 -0.48 18.87 -7.76
C GLN B 108 0.71 18.75 -8.72
N ASP B 109 0.67 19.52 -9.80
CA ASP B 109 1.78 19.55 -10.76
C ASP B 109 3.07 20.08 -10.11
N VAL B 110 2.92 21.16 -9.35
CA VAL B 110 4.02 21.80 -8.63
C VAL B 110 4.56 20.84 -7.60
N LYS B 111 3.65 20.16 -6.90
CA LYS B 111 4.03 19.22 -5.85
C LYS B 111 4.80 18.05 -6.45
N GLU B 112 4.25 17.45 -7.51
CA GLU B 112 4.91 16.31 -8.13
C GLU B 112 6.31 16.63 -8.66
N GLN B 113 6.44 17.78 -9.31
CA GLN B 113 7.72 18.18 -9.86
C GLN B 113 8.76 18.26 -8.75
N MET B 114 8.41 18.90 -7.64
CA MET B 114 9.35 18.99 -6.53
C MET B 114 9.73 17.64 -5.91
N PHE B 115 8.73 16.79 -5.66
CA PHE B 115 8.97 15.43 -5.19
C PHE B 115 9.97 14.73 -6.08
N ASN B 116 9.72 14.76 -7.39
CA ASN B 116 10.56 14.03 -8.31
C ASN B 116 11.99 14.60 -8.34
N GLU B 117 12.09 15.92 -8.27
CA GLU B 117 13.41 16.55 -8.21
C GLU B 117 14.16 16.15 -6.93
N LEU B 118 13.49 16.20 -5.80
CA LEU B 118 14.14 15.81 -4.53
C LEU B 118 14.61 14.36 -4.56
N LEU B 119 13.75 13.49 -5.10
CA LEU B 119 14.00 12.07 -5.07
C LEU B 119 15.09 11.65 -6.07
N THR B 120 15.20 12.43 -7.15
CA THR B 120 16.21 12.12 -8.16
C THR B 120 17.55 12.82 -7.90
N TYR B 121 17.51 14.09 -7.51
CA TYR B 121 18.75 14.85 -7.39
C TYR B 121 19.32 14.93 -5.99
N ASN B 122 18.48 14.77 -4.97
CA ASN B 122 18.96 14.91 -3.59
C ASN B 122 19.01 13.61 -2.80
N ALA B 123 17.96 12.81 -2.91
CA ALA B 123 17.89 11.54 -2.14
C ALA B 123 19.12 10.64 -2.33
N PRO B 124 19.63 10.44 -3.57
CA PRO B 124 20.77 9.52 -3.70
C PRO B 124 21.97 9.86 -2.82
N HIS B 125 22.23 11.14 -2.57
CA HIS B 125 23.36 11.54 -1.74
C HIS B 125 23.14 11.15 -0.31
N LEU B 126 21.92 11.36 0.16
CA LEU B 126 21.54 10.90 1.49
C LEU B 126 21.60 9.37 1.63
N MET B 127 21.07 8.63 0.64
CA MET B 127 21.06 7.19 0.74
C MET B 127 22.51 6.71 0.77
N GLN B 128 23.38 7.33 -0.04
CA GLN B 128 24.78 6.90 -0.02
C GLN B 128 25.44 7.20 1.32
N ASP B 129 25.19 8.39 1.87
CA ASP B 129 25.76 8.74 3.17
C ASP B 129 25.27 7.78 4.27
N LEU B 130 23.99 7.44 4.23
CA LEU B 130 23.44 6.45 5.17
C LEU B 130 24.08 5.08 5.04
N ASP B 131 24.22 4.60 3.82
CA ASP B 131 24.88 3.31 3.56
C ASP B 131 26.32 3.29 4.05
N THR B 132 27.09 4.32 3.71
CA THR B 132 28.47 4.46 4.19
C THR B 132 28.53 4.48 5.74
N TYR B 133 27.65 5.26 6.35
CA TYR B 133 27.56 5.30 7.81
C TYR B 133 27.28 3.93 8.44
N LEU B 134 26.32 3.21 7.88
CA LEU B 134 25.90 1.90 8.38
C LEU B 134 27.05 0.85 8.20
N GLY B 135 27.74 0.95 7.06
CA GLY B 135 28.81 -0.04 6.71
C GLY B 135 28.23 -1.42 6.82
N GLY B 136 29.00 -2.35 7.40
CA GLY B 136 28.56 -3.71 7.55
C GLY B 136 27.94 -3.99 8.90
N ARG B 137 27.57 -2.95 9.63
CA ARG B 137 26.97 -3.16 10.95
C ARG B 137 25.51 -3.58 10.87
N GLU B 138 25.03 -4.18 11.96
CA GLU B 138 23.72 -4.72 12.01
C GLU B 138 22.65 -3.61 12.13
N TRP B 139 22.91 -2.65 13.02
CA TRP B 139 22.00 -1.53 13.30
C TRP B 139 22.73 -0.22 13.12
N LEU B 140 22.00 0.89 12.96
CA LEU B 140 22.65 2.18 12.73
C LEU B 140 23.60 2.60 13.85
N ILE B 141 23.18 2.36 15.08
CA ILE B 141 23.92 2.74 16.29
C ILE B 141 23.97 1.60 17.30
N GLY B 142 25.18 1.28 17.76
CA GLY B 142 25.37 0.30 18.79
C GLY B 142 25.16 -1.11 18.31
N ASN B 143 24.93 -1.99 19.27
CA ASN B 143 24.85 -3.40 18.95
C ASN B 143 23.43 -3.98 18.97
N SER B 144 22.43 -3.11 19.16
CA SER B 144 21.05 -3.52 19.20
C SER B 144 20.21 -2.43 18.56
N VAL B 145 18.98 -2.76 18.30
CA VAL B 145 18.07 -1.84 17.63
C VAL B 145 17.83 -0.57 18.50
N THR B 146 17.75 0.58 17.84
CA THR B 146 17.33 1.84 18.48
C THR B 146 16.17 2.43 17.70
N TRP B 147 15.58 3.47 18.26
CA TRP B 147 14.52 4.14 17.55
C TRP B 147 15.02 4.88 16.31
N ALA B 148 16.34 5.04 16.11
CA ALA B 148 16.84 5.52 14.81
C ALA B 148 16.60 4.52 13.69
N ASP B 149 16.75 3.24 14.00
CA ASP B 149 16.44 2.18 13.03
C ASP B 149 14.97 2.22 12.68
N PHE B 150 14.12 2.40 13.70
CA PHE B 150 12.69 2.50 13.45
C PHE B 150 12.43 3.68 12.50
N TYR B 151 13.07 4.81 12.75
CA TYR B 151 12.81 6.01 11.96
C TYR B 151 13.31 5.83 10.54
N TRP B 152 14.43 5.14 10.37
CA TRP B 152 14.86 4.82 9.00
C TRP B 152 13.79 4.01 8.27
N GLU B 153 13.25 2.99 8.90
CA GLU B 153 12.24 2.17 8.27
C GLU B 153 10.99 2.99 7.93
N ILE B 154 10.54 3.87 8.82
CA ILE B 154 9.31 4.68 8.60
C ILE B 154 9.56 5.67 7.48
N CYS B 155 10.68 6.39 7.51
CA CYS B 155 10.96 7.40 6.46
C CYS B 155 11.13 6.74 5.11
N SER B 156 11.86 5.64 5.04
CA SER B 156 12.12 4.99 3.77
C SER B 156 10.84 4.38 3.23
N THR B 157 9.97 3.88 4.07
CA THR B 157 8.65 3.41 3.61
C THR B 157 7.90 4.51 2.84
N THR B 158 7.87 5.71 3.42
CA THR B 158 7.25 6.88 2.78
C THR B 158 7.90 7.17 1.43
N LEU B 159 9.22 7.26 1.43
CA LEU B 159 9.93 7.62 0.23
C LEU B 159 9.76 6.58 -0.87
N LEU B 160 9.72 5.30 -0.54
CA LEU B 160 9.53 4.22 -1.51
C LEU B 160 8.21 4.28 -2.23
N VAL B 161 7.19 4.86 -1.58
CA VAL B 161 5.89 5.10 -2.26
C VAL B 161 6.13 5.92 -3.53
N PHE B 162 6.99 6.93 -3.43
CA PHE B 162 7.19 7.90 -4.52
C PHE B 162 8.38 7.59 -5.41
N LYS B 163 9.32 6.78 -4.94
CA LYS B 163 10.56 6.45 -5.66
C LYS B 163 10.85 4.97 -5.39
N PRO B 164 10.20 4.07 -6.13
CA PRO B 164 10.37 2.66 -5.89
C PRO B 164 11.78 2.15 -5.96
N ASP B 165 12.63 2.78 -6.77
CA ASP B 165 14.01 2.30 -6.95
C ASP B 165 15.02 2.94 -5.98
N LEU B 166 14.51 3.69 -5.01
CA LEU B 166 15.33 4.43 -4.03
C LEU B 166 16.54 3.65 -3.52
N LEU B 167 16.33 2.37 -3.23
CA LEU B 167 17.34 1.55 -2.55
C LEU B 167 17.92 0.46 -3.44
N ASP B 168 17.72 0.54 -4.75
CA ASP B 168 18.27 -0.47 -5.64
C ASP B 168 19.80 -0.55 -5.55
N ASN B 169 20.47 0.56 -5.28
CA ASN B 169 21.95 0.54 -5.10
C ASN B 169 22.40 0.30 -3.66
N HIS B 170 21.45 0.07 -2.74
CA HIS B 170 21.78 -0.02 -1.32
C HIS B 170 21.11 -1.19 -0.65
N PRO B 171 21.45 -2.42 -1.05
CA PRO B 171 20.90 -3.62 -0.40
C PRO B 171 21.07 -3.67 1.15
N ARG B 172 22.15 -3.09 1.68
CA ARG B 172 22.34 -3.11 3.14
C ARG B 172 21.24 -2.28 3.81
N LEU B 173 20.79 -1.22 3.15
CA LEU B 173 19.72 -0.42 3.77
C LEU B 173 18.38 -1.13 3.68
N VAL B 174 18.17 -1.95 2.65
CA VAL B 174 17.00 -2.82 2.55
C VAL B 174 17.01 -3.88 3.67
N THR B 175 18.17 -4.50 3.87
CA THR B 175 18.29 -5.49 4.91
C THR B 175 17.88 -4.91 6.28
N LEU B 176 18.30 -3.68 6.54
CA LEU B 176 17.99 -3.01 7.80
C LEU B 176 16.48 -2.78 7.94
N ARG B 177 15.85 -2.29 6.87
CA ARG B 177 14.40 -2.23 6.85
C ARG B 177 13.76 -3.55 7.22
N LYS B 178 14.18 -4.62 6.55
CA LYS B 178 13.58 -5.93 6.80
C LYS B 178 13.81 -6.42 8.23
N LYS B 179 14.95 -6.08 8.80
CA LYS B 179 15.20 -6.47 10.18
C LYS B 179 14.26 -5.76 11.15
N VAL B 180 14.04 -4.46 10.91
CA VAL B 180 13.08 -3.73 11.73
C VAL B 180 11.67 -4.33 11.56
N GLN B 181 11.29 -4.63 10.32
CA GLN B 181 9.97 -5.15 10.00
C GLN B 181 9.69 -6.55 10.60
N ALA B 182 10.78 -7.28 10.85
CA ALA B 182 10.70 -8.64 11.43
C ALA B 182 10.67 -8.68 12.95
N ILE B 183 10.97 -7.60 13.62
CA ILE B 183 10.86 -7.57 15.07
C ILE B 183 9.42 -7.90 15.43
N PRO B 184 9.16 -8.95 16.24
CA PRO B 184 7.79 -9.39 16.29
C PRO B 184 6.72 -8.33 16.66
N ALA B 185 6.98 -7.48 17.64
CA ALA B 185 6.01 -6.51 18.04
C ALA B 185 5.77 -5.48 16.91
N VAL B 186 6.81 -5.18 16.17
CA VAL B 186 6.72 -4.25 15.05
C VAL B 186 5.98 -4.90 13.89
N ALA B 187 6.31 -6.14 13.59
CA ALA B 187 5.61 -6.89 12.54
C ALA B 187 4.12 -6.96 12.80
N ASN B 188 3.77 -7.18 14.05
CA ASN B 188 2.37 -7.26 14.41
C ASN B 188 1.64 -5.93 14.23
N TRP B 189 2.31 -4.84 14.59
CA TRP B 189 1.73 -3.51 14.39
C TRP B 189 1.59 -3.20 12.86
N ILE B 190 2.60 -3.55 12.07
CA ILE B 190 2.61 -3.32 10.64
C ILE B 190 1.45 -4.08 9.99
N LYS B 191 1.17 -5.28 10.50
CA LYS B 191 0.13 -6.11 9.93
C LYS B 191 -1.25 -5.57 10.26
N ARG B 192 -1.43 -5.04 11.47
CA ARG B 192 -2.77 -4.65 11.95
C ARG B 192 -3.13 -3.19 11.78
N ARG B 193 -2.14 -2.32 11.59
CA ARG B 193 -2.40 -0.87 11.56
C ARG B 193 -3.33 -0.52 10.39
N PRO B 194 -4.07 0.57 10.49
CA PRO B 194 -4.90 1.00 9.37
C PRO B 194 -4.05 1.23 8.14
N GLN B 195 -4.50 0.77 6.99
CA GLN B 195 -3.76 0.96 5.77
C GLN B 195 -4.08 2.31 5.16
N THR B 196 -3.04 3.14 5.08
CA THR B 196 -3.11 4.49 4.54
C THR B 196 -1.98 4.69 3.56
N LYS B 197 -2.12 5.66 2.65
CA LYS B 197 -1.06 5.87 1.68
C LYS B 197 0.24 6.30 2.36
N LEU B 198 0.11 7.30 3.24
CA LEU B 198 1.23 7.93 3.92
C LEU B 198 1.13 7.71 5.41
N PRO C 1 -40.74 -15.92 -14.88
CA PRO C 1 -39.94 -15.84 -16.09
C PRO C 1 -40.05 -17.12 -16.90
N ASN C 2 -40.12 -16.98 -18.22
CA ASN C 2 -40.10 -18.11 -19.14
C ASN C 2 -38.67 -18.41 -19.54
N TYR C 3 -38.20 -19.60 -19.18
CA TYR C 3 -36.82 -20.01 -19.35
C TYR C 3 -36.67 -21.07 -20.43
N LYS C 4 -35.77 -20.86 -21.38
CA LYS C 4 -35.41 -21.89 -22.36
C LYS C 4 -33.87 -22.06 -22.37
N LEU C 5 -33.42 -23.24 -21.95
CA LEU C 5 -31.99 -23.60 -21.90
C LEU C 5 -31.66 -24.36 -23.18
N THR C 6 -30.65 -23.90 -23.92
CA THR C 6 -30.16 -24.61 -25.10
C THR C 6 -28.75 -25.16 -24.92
N TYR C 7 -28.58 -26.45 -25.22
CA TYR C 7 -27.29 -27.09 -25.14
C TYR C 7 -27.33 -28.39 -25.96
N PHE C 8 -26.21 -29.07 -26.07
CA PHE C 8 -26.19 -30.43 -26.60
C PHE C 8 -26.94 -31.39 -25.67
N ASN C 9 -27.17 -32.62 -26.14
CA ASN C 9 -27.76 -33.64 -25.31
C ASN C 9 -26.68 -34.29 -24.48
N MET C 10 -26.18 -33.54 -23.50
CA MET C 10 -25.26 -34.06 -22.50
C MET C 10 -25.41 -33.18 -21.26
N ARG C 11 -24.83 -33.64 -20.16
CA ARG C 11 -24.81 -32.87 -18.90
C ARG C 11 -23.91 -31.69 -19.18
N GLY C 12 -22.65 -31.98 -19.43
CA GLY C 12 -21.64 -30.98 -19.78
C GLY C 12 -21.73 -29.69 -19.00
N ARG C 13 -21.65 -28.56 -19.71
CA ARG C 13 -21.65 -27.25 -19.09
C ARG C 13 -23.04 -26.70 -18.79
N ALA C 14 -24.11 -27.38 -19.23
CA ALA C 14 -25.46 -26.97 -18.90
C ALA C 14 -25.96 -27.53 -17.58
N GLU C 15 -25.33 -28.60 -17.06
CA GLU C 15 -25.90 -29.38 -15.97
C GLU C 15 -26.01 -28.56 -14.68
N ILE C 16 -25.05 -27.68 -14.42
CA ILE C 16 -25.19 -26.81 -13.26
C ILE C 16 -26.48 -25.99 -13.28
N ILE C 17 -26.87 -25.50 -14.46
CA ILE C 17 -28.12 -24.76 -14.63
C ILE C 17 -29.30 -25.66 -14.38
N ARG C 18 -29.24 -26.87 -14.94
CA ARG C 18 -30.30 -27.87 -14.73
C ARG C 18 -30.47 -28.23 -13.26
N TYR C 19 -29.40 -28.33 -12.49
CA TYR C 19 -29.51 -28.61 -11.06
C TYR C 19 -30.17 -27.46 -10.34
N ILE C 20 -29.79 -26.24 -10.70
CA ILE C 20 -30.29 -25.07 -10.03
C ILE C 20 -31.80 -24.98 -10.25
N PHE C 21 -32.22 -25.16 -11.49
CA PHE C 21 -33.67 -25.13 -11.77
C PHE C 21 -34.39 -26.21 -10.96
N ALA C 22 -33.83 -27.41 -10.89
CA ALA C 22 -34.46 -28.53 -10.15
C ALA C 22 -34.56 -28.21 -8.67
N TYR C 23 -33.47 -27.75 -8.07
CA TYR C 23 -33.47 -27.44 -6.65
C TYR C 23 -34.46 -26.31 -6.32
N LEU C 24 -34.51 -25.28 -7.18
CA LEU C 24 -35.36 -24.10 -6.93
C LEU C 24 -36.82 -24.31 -7.38
N ASP C 25 -37.09 -25.49 -7.94
CA ASP C 25 -38.40 -25.91 -8.45
C ASP C 25 -38.90 -24.89 -9.47
N ILE C 26 -38.04 -24.64 -10.45
CA ILE C 26 -38.31 -23.71 -11.52
C ILE C 26 -38.50 -24.46 -12.82
N GLN C 27 -39.67 -24.26 -13.44
CA GLN C 27 -39.96 -24.86 -14.72
C GLN C 27 -39.15 -24.20 -15.82
N TYR C 28 -38.66 -24.99 -16.76
CA TYR C 28 -37.94 -24.49 -17.93
C TYR C 28 -38.04 -25.47 -19.07
N GLU C 29 -37.78 -25.00 -20.28
CA GLU C 29 -37.62 -25.85 -21.46
C GLU C 29 -36.16 -26.30 -21.57
N ASP C 30 -35.94 -27.61 -21.47
CA ASP C 30 -34.60 -28.18 -21.55
C ASP C 30 -34.32 -28.55 -23.01
N HIS C 31 -33.96 -27.56 -23.81
CA HIS C 31 -33.80 -27.77 -25.24
C HIS C 31 -32.44 -28.37 -25.58
N ARG C 32 -32.44 -29.57 -26.13
CA ARG C 32 -31.20 -30.28 -26.44
C ARG C 32 -31.08 -30.46 -27.94
N ILE C 33 -30.04 -29.86 -28.51
CA ILE C 33 -29.91 -29.80 -29.98
C ILE C 33 -29.12 -30.97 -30.53
N GLU C 34 -29.31 -31.25 -31.82
CA GLU C 34 -28.48 -32.20 -32.55
C GLU C 34 -27.30 -31.46 -33.13
N GLN C 35 -26.17 -32.16 -33.28
CA GLN C 35 -24.97 -31.56 -33.86
C GLN C 35 -25.24 -30.97 -35.24
N ALA C 36 -26.05 -31.66 -36.05
CA ALA C 36 -26.44 -31.17 -37.37
C ALA C 36 -27.14 -29.81 -37.34
N ASP C 37 -27.87 -29.53 -36.26
CA ASP C 37 -28.61 -28.26 -36.13
C ASP C 37 -27.78 -27.12 -35.57
N TRP C 38 -26.61 -27.46 -35.03
CA TRP C 38 -25.76 -26.50 -34.33
C TRP C 38 -25.25 -25.35 -35.22
N PRO C 39 -24.64 -25.68 -36.38
CA PRO C 39 -24.12 -24.62 -37.25
C PRO C 39 -25.03 -23.41 -37.44
N GLU C 40 -26.30 -23.64 -37.77
CA GLU C 40 -27.24 -22.52 -38.00
C GLU C 40 -27.68 -21.81 -36.71
N ILE C 41 -27.70 -22.56 -35.60
CA ILE C 41 -27.95 -21.98 -34.28
C ILE C 41 -26.78 -21.07 -33.91
N LYS C 42 -25.57 -21.63 -34.03
CA LYS C 42 -24.32 -20.93 -33.67
C LYS C 42 -24.27 -19.53 -34.29
N SER C 43 -24.67 -19.41 -35.55
CA SER C 43 -24.59 -18.15 -36.29
C SER C 43 -25.52 -17.06 -35.77
N THR C 44 -26.59 -17.43 -35.05
CA THR C 44 -27.50 -16.43 -34.49
C THR C 44 -27.02 -15.87 -33.17
N LEU C 45 -26.02 -16.50 -32.56
CA LEU C 45 -25.60 -16.17 -31.19
C LEU C 45 -24.48 -15.14 -31.15
N PRO C 46 -24.63 -14.10 -30.31
CA PRO C 46 -23.55 -13.14 -30.11
C PRO C 46 -22.13 -13.69 -29.98
N PHE C 47 -21.91 -14.78 -29.23
CA PHE C 47 -20.55 -15.31 -29.03
C PHE C 47 -20.38 -16.76 -29.52
N GLY C 48 -21.42 -17.29 -30.17
CA GLY C 48 -21.32 -18.56 -30.90
C GLY C 48 -21.02 -19.79 -30.02
N LYS C 49 -21.44 -19.74 -28.76
CA LYS C 49 -21.22 -20.86 -27.85
C LYS C 49 -22.46 -21.20 -27.07
N ILE C 50 -22.55 -22.46 -26.64
CA ILE C 50 -23.60 -22.89 -25.71
C ILE C 50 -22.96 -23.46 -24.42
N PRO C 51 -23.71 -23.45 -23.32
CA PRO C 51 -25.13 -23.12 -23.24
C PRO C 51 -25.52 -21.66 -23.39
N ILE C 52 -26.77 -21.45 -23.79
CA ILE C 52 -27.42 -20.16 -23.65
C ILE C 52 -28.73 -20.41 -22.90
N LEU C 53 -29.19 -19.36 -22.22
CA LEU C 53 -30.45 -19.38 -21.51
C LEU C 53 -31.24 -18.17 -21.98
N GLU C 54 -32.42 -18.44 -22.55
CA GLU C 54 -33.34 -17.39 -22.95
C GLU C 54 -34.27 -17.15 -21.77
N VAL C 55 -34.36 -15.89 -21.36
CA VAL C 55 -35.16 -15.45 -20.22
C VAL C 55 -36.14 -14.45 -20.78
N ASP C 56 -37.40 -14.88 -20.91
CA ASP C 56 -38.44 -14.01 -21.41
C ASP C 56 -38.01 -13.34 -22.71
N GLY C 57 -37.37 -14.10 -23.61
CA GLY C 57 -36.93 -13.61 -24.91
C GLY C 57 -35.51 -13.07 -24.98
N LEU C 58 -34.91 -12.81 -23.82
CA LEU C 58 -33.58 -12.19 -23.76
C LEU C 58 -32.55 -13.30 -23.59
N THR C 59 -31.49 -13.27 -24.41
CA THR C 59 -30.49 -14.34 -24.42
C THR C 59 -29.32 -14.03 -23.48
N LEU C 60 -29.13 -14.90 -22.50
CA LEU C 60 -27.91 -14.93 -21.66
C LEU C 60 -26.97 -16.02 -22.15
N HIS C 61 -25.68 -15.84 -21.87
CA HIS C 61 -24.68 -16.85 -22.18
C HIS C 61 -23.69 -16.94 -21.00
N GLN C 62 -22.76 -17.91 -21.10
CA GLN C 62 -21.76 -18.28 -20.11
C GLN C 62 -22.40 -19.01 -18.94
N SER C 63 -22.12 -20.32 -18.85
CA SER C 63 -22.84 -21.17 -17.91
C SER C 63 -22.78 -20.68 -16.46
N LEU C 64 -21.61 -20.22 -16.02
CA LEU C 64 -21.43 -19.83 -14.62
C LEU C 64 -21.97 -18.44 -14.35
N ALA C 65 -21.88 -17.55 -15.34
CA ALA C 65 -22.60 -16.29 -15.26
C ALA C 65 -24.12 -16.50 -15.09
N ILE C 66 -24.65 -17.44 -15.85
CA ILE C 66 -26.07 -17.74 -15.77
C ILE C 66 -26.39 -18.38 -14.41
N ALA C 67 -25.55 -19.32 -13.99
CA ALA C 67 -25.77 -19.99 -12.71
C ALA C 67 -25.80 -18.96 -11.55
N ARG C 68 -24.89 -18.00 -11.59
CA ARG C 68 -24.83 -16.98 -10.57
C ARG C 68 -26.09 -16.10 -10.60
N TYR C 69 -26.52 -15.73 -11.80
CA TYR C 69 -27.72 -14.92 -11.97
C TYR C 69 -28.95 -15.62 -11.37
N LEU C 70 -29.05 -16.92 -11.62
CA LEU C 70 -30.18 -17.74 -11.10
C LEU C 70 -30.15 -17.94 -9.60
N THR C 71 -28.99 -17.91 -8.97
CA THR C 71 -28.88 -18.19 -7.55
C THR C 71 -28.75 -17.00 -6.64
N LYS C 72 -28.56 -15.82 -7.21
CA LYS C 72 -28.55 -14.61 -6.39
C LYS C 72 -29.87 -14.49 -5.61
N ASN C 73 -29.75 -14.14 -4.35
CA ASN C 73 -30.93 -14.00 -3.46
C ASN C 73 -31.74 -15.29 -3.33
N THR C 74 -31.03 -16.41 -3.46
CA THR C 74 -31.59 -17.71 -3.09
C THR C 74 -30.74 -18.35 -2.02
N ASP C 75 -31.22 -19.47 -1.46
CA ASP C 75 -30.46 -20.17 -0.45
C ASP C 75 -29.26 -20.93 -1.02
N LEU C 76 -29.12 -20.95 -2.35
CA LEU C 76 -27.91 -21.54 -2.98
C LEU C 76 -26.72 -20.57 -3.06
N ALA C 77 -26.98 -19.32 -2.74
CA ALA C 77 -25.91 -18.34 -2.63
C ALA C 77 -25.22 -18.45 -1.27
N GLY C 78 -23.99 -17.99 -1.20
CA GLY C 78 -23.32 -17.78 0.06
C GLY C 78 -24.04 -16.80 0.94
N ASN C 79 -23.86 -16.95 2.25
CA ASN C 79 -24.62 -16.17 3.26
C ASN C 79 -24.07 -14.76 3.58
N THR C 80 -22.86 -14.46 3.12
CA THR C 80 -22.25 -13.15 3.19
C THR C 80 -21.57 -12.92 1.88
N GLU C 81 -21.18 -11.68 1.64
CA GLU C 81 -20.45 -11.40 0.44
C GLU C 81 -19.13 -12.20 0.39
N MET C 82 -18.48 -12.37 1.53
CA MET C 82 -17.19 -13.11 1.57
C MET C 82 -17.47 -14.55 1.18
N GLU C 83 -18.53 -15.10 1.74
CA GLU C 83 -18.92 -16.48 1.38
C GLU C 83 -19.33 -16.63 -0.08
N GLN C 84 -20.00 -15.66 -0.63
CA GLN C 84 -20.26 -15.63 -2.09
C GLN C 84 -18.96 -15.66 -2.89
N CYS C 85 -17.93 -14.97 -2.43
CA CYS C 85 -16.63 -15.05 -3.08
C CYS C 85 -16.09 -16.46 -3.01
N HIS C 86 -16.18 -17.10 -1.84
CA HIS C 86 -15.72 -18.50 -1.72
C HIS C 86 -16.47 -19.43 -2.68
N VAL C 87 -17.78 -19.23 -2.82
CA VAL C 87 -18.56 -20.05 -3.74
C VAL C 87 -18.02 -19.85 -5.16
N ASP C 88 -17.89 -18.60 -5.58
CA ASP C 88 -17.41 -18.26 -6.95
C ASP C 88 -16.04 -18.82 -7.18
N ALA C 89 -15.19 -18.77 -6.16
CA ALA C 89 -13.80 -19.20 -6.31
C ALA C 89 -13.72 -20.71 -6.48
N ILE C 90 -14.42 -21.46 -5.63
CA ILE C 90 -14.46 -22.92 -5.80
C ILE C 90 -14.94 -23.28 -7.18
N VAL C 91 -16.03 -22.67 -7.62
CA VAL C 91 -16.58 -22.98 -8.92
C VAL C 91 -15.54 -22.69 -10.01
N ASP C 92 -14.86 -21.53 -9.96
CA ASP C 92 -13.81 -21.24 -10.95
C ASP C 92 -12.64 -22.22 -10.88
N THR C 93 -12.26 -22.68 -9.70
CA THR C 93 -11.17 -23.64 -9.56
C THR C 93 -11.55 -24.95 -10.23
N LEU C 94 -12.77 -25.40 -9.98
CA LEU C 94 -13.25 -26.62 -10.65
C LEU C 94 -13.34 -26.42 -12.14
N ASP C 95 -13.87 -25.29 -12.58
CA ASP C 95 -14.07 -25.03 -14.00
C ASP C 95 -12.74 -24.97 -14.73
N ASP C 96 -11.76 -24.31 -14.12
CA ASP C 96 -10.44 -24.19 -14.68
C ASP C 96 -9.88 -25.57 -14.99
N PHE C 97 -10.07 -26.51 -14.06
CA PHE C 97 -9.54 -27.84 -14.25
C PHE C 97 -10.32 -28.56 -15.33
N MET C 98 -11.64 -28.51 -15.27
CA MET C 98 -12.44 -29.16 -16.31
C MET C 98 -12.11 -28.61 -17.69
N SER C 99 -11.74 -27.34 -17.76
CA SER C 99 -11.44 -26.70 -19.05
C SER C 99 -10.05 -27.07 -19.60
N CYS C 100 -9.18 -27.62 -18.77
CA CYS C 100 -7.87 -28.13 -19.19
C CYS C 100 -7.99 -29.35 -20.11
N PHE C 101 -9.10 -30.08 -19.98
CA PHE C 101 -9.26 -31.29 -20.77
C PHE C 101 -9.59 -30.93 -22.22
N PRO C 102 -8.93 -31.62 -23.17
CA PRO C 102 -9.20 -31.36 -24.57
C PRO C 102 -10.44 -32.14 -25.09
N TRP C 103 -11.62 -31.67 -24.66
CA TRP C 103 -12.87 -32.38 -24.92
C TRP C 103 -13.16 -32.55 -26.41
N ALA C 104 -12.79 -31.55 -27.21
CA ALA C 104 -13.12 -31.50 -28.64
C ALA C 104 -11.98 -32.01 -29.53
N GLU C 105 -10.85 -32.33 -28.91
CA GLU C 105 -9.64 -32.76 -29.64
C GLU C 105 -9.90 -34.05 -30.40
N LYS C 106 -9.57 -34.03 -31.70
CA LYS C 106 -9.80 -35.19 -32.58
C LYS C 106 -8.59 -36.13 -32.67
N LYS C 107 -7.38 -35.60 -32.46
CA LYS C 107 -6.19 -36.46 -32.33
C LYS C 107 -6.38 -37.36 -31.10
N GLN C 108 -6.80 -38.60 -31.32
CA GLN C 108 -7.19 -39.49 -30.22
C GLN C 108 -6.03 -39.84 -29.28
N ASP C 109 -4.81 -39.94 -29.81
CA ASP C 109 -3.63 -40.27 -29.00
C ASP C 109 -3.08 -39.04 -28.26
N VAL C 110 -3.33 -37.85 -28.80
CA VAL C 110 -2.96 -36.60 -28.15
C VAL C 110 -4.00 -36.23 -27.08
N LYS C 111 -5.26 -36.49 -27.39
CA LYS C 111 -6.36 -36.35 -26.42
C LYS C 111 -6.09 -37.22 -25.19
N GLU C 112 -5.82 -38.50 -25.45
CA GLU C 112 -5.64 -39.50 -24.39
C GLU C 112 -4.38 -39.25 -23.56
N GLN C 113 -3.30 -38.84 -24.22
CA GLN C 113 -2.06 -38.46 -23.55
C GLN C 113 -2.28 -37.31 -22.55
N MET C 114 -3.01 -36.29 -22.98
CA MET C 114 -3.32 -35.15 -22.12
C MET C 114 -4.33 -35.55 -21.03
N PHE C 115 -5.38 -36.27 -21.40
CA PHE C 115 -6.30 -36.84 -20.39
C PHE C 115 -5.52 -37.60 -19.33
N ASN C 116 -4.71 -38.57 -19.74
CA ASN C 116 -3.92 -39.34 -18.78
C ASN C 116 -3.04 -38.45 -17.88
N GLU C 117 -2.42 -37.43 -18.48
CA GLU C 117 -1.54 -36.49 -17.78
C GLU C 117 -2.31 -35.73 -16.69
N LEU C 118 -3.45 -35.18 -17.08
CA LEU C 118 -4.29 -34.44 -16.15
C LEU C 118 -4.85 -35.32 -15.04
N LEU C 119 -5.27 -36.54 -15.37
CA LEU C 119 -5.89 -37.43 -14.40
C LEU C 119 -4.86 -38.08 -13.48
N THR C 120 -3.69 -38.40 -14.03
CA THR C 120 -2.68 -39.10 -13.25
C THR C 120 -1.87 -38.13 -12.37
N TYR C 121 -1.52 -36.97 -12.90
CA TYR C 121 -0.66 -36.04 -12.18
C TYR C 121 -1.45 -34.90 -11.52
N ASN C 122 -2.30 -34.21 -12.27
CA ASN C 122 -2.91 -32.97 -11.80
C ASN C 122 -4.13 -33.16 -10.90
N ALA C 123 -4.94 -34.15 -11.22
CA ALA C 123 -6.20 -34.37 -10.53
C ALA C 123 -6.02 -34.73 -9.06
N PRO C 124 -5.05 -35.59 -8.71
CA PRO C 124 -4.82 -35.89 -7.30
C PRO C 124 -4.47 -34.67 -6.45
N HIS C 125 -3.67 -33.76 -7.01
CA HIS C 125 -3.33 -32.55 -6.29
C HIS C 125 -4.58 -31.72 -6.03
N LEU C 126 -5.44 -31.59 -7.04
CA LEU C 126 -6.72 -30.90 -6.84
C LEU C 126 -7.63 -31.60 -5.80
N MET C 127 -7.76 -32.91 -5.88
CA MET C 127 -8.53 -33.62 -4.86
C MET C 127 -8.01 -33.39 -3.45
N GLN C 128 -6.68 -33.40 -3.26
CA GLN C 128 -6.12 -33.15 -1.96
C GLN C 128 -6.42 -31.73 -1.48
N ASP C 129 -6.29 -30.73 -2.37
CA ASP C 129 -6.63 -29.38 -2.03
C ASP C 129 -8.09 -29.25 -1.66
N LEU C 130 -8.99 -29.90 -2.43
CA LEU C 130 -10.42 -29.85 -2.07
C LEU C 130 -10.72 -30.52 -0.73
N ASP C 131 -10.13 -31.69 -0.51
CA ASP C 131 -10.27 -32.41 0.75
C ASP C 131 -9.83 -31.53 1.94
N THR C 132 -8.66 -30.92 1.82
CA THR C 132 -8.19 -30.01 2.86
C THR C 132 -9.12 -28.81 3.03
N TYR C 133 -9.59 -28.26 1.92
CA TYR C 133 -10.49 -27.12 1.95
C TYR C 133 -11.82 -27.44 2.67
N LEU C 134 -12.39 -28.61 2.37
CA LEU C 134 -13.63 -29.08 3.00
C LEU C 134 -13.41 -29.39 4.47
N GLY C 135 -12.28 -29.99 4.79
CA GLY C 135 -12.08 -30.44 6.15
C GLY C 135 -13.18 -31.39 6.57
N GLY C 136 -13.64 -31.24 7.81
CA GLY C 136 -14.75 -32.07 8.33
C GLY C 136 -16.13 -31.43 8.20
N ARG C 137 -16.20 -30.33 7.45
CA ARG C 137 -17.46 -29.62 7.27
C ARG C 137 -18.43 -30.40 6.36
N GLU C 138 -19.73 -30.17 6.52
CA GLU C 138 -20.74 -30.83 5.71
C GLU C 138 -20.73 -30.39 4.26
N TRP C 139 -20.54 -29.08 4.05
CA TRP C 139 -20.63 -28.46 2.72
C TRP C 139 -19.38 -27.61 2.49
N LEU C 140 -19.07 -27.30 1.22
CA LEU C 140 -17.84 -26.56 0.91
C LEU C 140 -17.79 -25.15 1.51
N ILE C 141 -18.92 -24.46 1.50
CA ILE C 141 -18.99 -23.09 2.01
C ILE C 141 -20.14 -22.98 3.00
N GLY C 142 -19.84 -22.43 4.17
CA GLY C 142 -20.88 -22.13 5.10
C GLY C 142 -21.50 -23.32 5.77
N ASN C 143 -22.73 -23.15 6.21
CA ASN C 143 -23.39 -24.21 7.00
C ASN C 143 -24.47 -24.95 6.25
N SER C 144 -24.62 -24.64 4.96
CA SER C 144 -25.64 -25.24 4.15
C SER C 144 -25.17 -25.31 2.71
N VAL C 145 -25.92 -26.05 1.92
CA VAL C 145 -25.58 -26.30 0.54
C VAL C 145 -25.50 -24.99 -0.21
N THR C 146 -24.51 -24.89 -1.09
CA THR C 146 -24.48 -23.85 -2.15
C THR C 146 -24.33 -24.47 -3.54
N TRP C 147 -24.46 -23.66 -4.58
CA TRP C 147 -24.26 -24.17 -5.92
C TRP C 147 -22.81 -24.63 -6.18
N ALA C 148 -21.86 -24.24 -5.33
CA ALA C 148 -20.49 -24.81 -5.39
C ALA C 148 -20.53 -26.31 -5.13
N ASP C 149 -21.34 -26.75 -4.20
CA ASP C 149 -21.45 -28.19 -3.90
C ASP C 149 -22.05 -28.92 -5.11
N PHE C 150 -23.05 -28.31 -5.77
CA PHE C 150 -23.62 -28.86 -6.98
C PHE C 150 -22.51 -29.04 -8.02
N TYR C 151 -21.69 -28.01 -8.17
CA TYR C 151 -20.69 -28.03 -9.23
C TYR C 151 -19.64 -29.07 -8.95
N TRP C 152 -19.26 -29.24 -7.68
CA TRP C 152 -18.39 -30.35 -7.30
C TRP C 152 -18.98 -31.70 -7.75
N GLU C 153 -20.25 -31.94 -7.45
CA GLU C 153 -20.84 -33.24 -7.74
C GLU C 153 -20.87 -33.44 -9.26
N ILE C 154 -21.20 -32.38 -9.99
CA ILE C 154 -21.28 -32.46 -11.46
C ILE C 154 -19.90 -32.72 -12.09
N CYS C 155 -18.92 -31.93 -11.70
CA CYS C 155 -17.58 -32.06 -12.26
C CYS C 155 -16.99 -33.42 -11.94
N SER C 156 -17.13 -33.86 -10.69
CA SER C 156 -16.55 -35.12 -10.24
C SER C 156 -17.27 -36.30 -10.91
N THR C 157 -18.56 -36.15 -11.21
CA THR C 157 -19.26 -37.24 -11.95
C THR C 157 -18.54 -37.52 -13.28
N THR C 158 -18.23 -36.47 -14.00
CA THR C 158 -17.55 -36.63 -15.28
C THR C 158 -16.10 -37.10 -15.12
N LEU C 159 -15.38 -36.60 -14.12
CA LEU C 159 -14.01 -37.07 -13.86
C LEU C 159 -13.97 -38.58 -13.54
N LEU C 160 -14.94 -39.07 -12.76
CA LEU C 160 -15.03 -40.48 -12.40
C LEU C 160 -15.29 -41.39 -13.59
N VAL C 161 -15.92 -40.89 -14.64
CA VAL C 161 -16.05 -41.66 -15.89
C VAL C 161 -14.68 -42.11 -16.42
N PHE C 162 -13.70 -41.22 -16.36
CA PHE C 162 -12.36 -41.49 -16.87
C PHE C 162 -11.35 -41.98 -15.83
N LYS C 163 -11.55 -41.64 -14.57
CA LYS C 163 -10.66 -42.10 -13.49
C LYS C 163 -11.53 -42.58 -12.32
N PRO C 164 -12.02 -43.82 -12.40
CA PRO C 164 -12.92 -44.28 -11.34
C PRO C 164 -12.31 -44.34 -9.94
N ASP C 165 -10.98 -44.35 -9.85
CA ASP C 165 -10.31 -44.38 -8.54
C ASP C 165 -9.96 -42.99 -8.00
N LEU C 166 -10.47 -41.95 -8.67
CA LEU C 166 -10.25 -40.53 -8.30
C LEU C 166 -10.33 -40.25 -6.79
N LEU C 167 -11.33 -40.82 -6.12
CA LEU C 167 -11.61 -40.47 -4.73
C LEU C 167 -11.35 -41.61 -3.72
N ASP C 168 -10.56 -42.59 -4.12
CA ASP C 168 -10.29 -43.70 -3.20
C ASP C 168 -9.52 -43.30 -1.95
N ASN C 169 -8.77 -42.19 -2.01
CA ASN C 169 -8.14 -41.66 -0.80
C ASN C 169 -8.91 -40.48 -0.17
N HIS C 170 -10.15 -40.25 -0.62
CA HIS C 170 -10.91 -39.05 -0.20
C HIS C 170 -12.36 -39.38 0.13
N PRO C 171 -12.58 -40.20 1.15
CA PRO C 171 -13.95 -40.50 1.54
C PRO C 171 -14.82 -39.28 1.83
N ARG C 172 -14.23 -38.21 2.35
CA ARG C 172 -15.02 -37.01 2.64
C ARG C 172 -15.54 -36.33 1.38
N LEU C 173 -14.82 -36.43 0.26
CA LEU C 173 -15.30 -35.94 -1.02
C LEU C 173 -16.37 -36.82 -1.66
N VAL C 174 -16.29 -38.13 -1.44
CA VAL C 174 -17.36 -39.05 -1.83
C VAL C 174 -18.62 -38.69 -1.05
N THR C 175 -18.48 -38.51 0.25
CA THR C 175 -19.61 -38.18 1.10
C THR C 175 -20.30 -36.91 0.65
N LEU C 176 -19.53 -35.91 0.26
CA LEU C 176 -20.12 -34.68 -0.20
C LEU C 176 -20.90 -34.89 -1.47
N ARG C 177 -20.42 -35.72 -2.37
CA ARG C 177 -21.19 -36.06 -3.58
C ARG C 177 -22.51 -36.70 -3.21
N LYS C 178 -22.48 -37.63 -2.27
CA LYS C 178 -23.69 -38.31 -1.86
C LYS C 178 -24.67 -37.38 -1.19
N LYS C 179 -24.15 -36.44 -0.42
CA LYS C 179 -24.98 -35.45 0.22
C LYS C 179 -25.75 -34.62 -0.81
N VAL C 180 -25.08 -34.20 -1.87
CA VAL C 180 -25.75 -33.47 -2.92
C VAL C 180 -26.82 -34.33 -3.61
N GLN C 181 -26.46 -35.57 -3.90
CA GLN C 181 -27.32 -36.50 -4.62
C GLN C 181 -28.58 -36.87 -3.82
N ALA C 182 -28.51 -36.75 -2.51
CA ALA C 182 -29.62 -37.07 -1.61
C ALA C 182 -30.60 -35.93 -1.42
N ILE C 183 -30.27 -34.73 -1.88
CA ILE C 183 -31.20 -33.64 -1.78
C ILE C 183 -32.37 -34.03 -2.67
N PRO C 184 -33.60 -34.07 -2.11
CA PRO C 184 -34.68 -34.72 -2.89
C PRO C 184 -34.91 -34.15 -4.29
N ALA C 185 -34.83 -32.82 -4.45
CA ALA C 185 -35.02 -32.24 -5.79
C ALA C 185 -33.92 -32.65 -6.74
N VAL C 186 -32.70 -32.76 -6.22
CA VAL C 186 -31.55 -33.17 -7.03
C VAL C 186 -31.66 -34.65 -7.37
N ALA C 187 -31.99 -35.46 -6.36
CA ALA C 187 -32.22 -36.92 -6.57
C ALA C 187 -33.27 -37.18 -7.65
N ASN C 188 -34.38 -36.43 -7.59
CA ASN C 188 -35.43 -36.57 -8.59
C ASN C 188 -34.91 -36.24 -9.99
N TRP C 189 -34.10 -35.18 -10.10
CA TRP C 189 -33.53 -34.82 -11.40
C TRP C 189 -32.59 -35.90 -11.94
N ILE C 190 -31.69 -36.35 -11.08
CA ILE C 190 -30.72 -37.38 -11.43
C ILE C 190 -31.45 -38.66 -11.92
N LYS C 191 -32.56 -38.98 -11.29
CA LYS C 191 -33.35 -40.15 -11.69
C LYS C 191 -33.97 -39.97 -13.08
N ARG C 192 -34.42 -38.76 -13.37
CA ARG C 192 -35.24 -38.52 -14.57
C ARG C 192 -34.46 -38.04 -15.78
N ARG C 193 -33.25 -37.52 -15.57
CA ARG C 193 -32.53 -36.89 -16.66
C ARG C 193 -32.08 -37.89 -17.73
N PRO C 194 -31.84 -37.40 -18.95
CA PRO C 194 -31.28 -38.29 -19.98
C PRO C 194 -29.96 -38.89 -19.54
N GLN C 195 -29.77 -40.16 -19.85
CA GLN C 195 -28.56 -40.88 -19.53
C GLN C 195 -27.59 -40.70 -20.68
N THR C 196 -26.54 -39.93 -20.41
CA THR C 196 -25.53 -39.60 -21.42
C THR C 196 -24.16 -39.83 -20.78
N LYS C 197 -23.14 -40.07 -21.58
CA LYS C 197 -21.82 -40.32 -21.03
C LYS C 197 -21.31 -39.09 -20.27
N LEU C 198 -21.41 -37.97 -20.93
CA LEU C 198 -20.88 -36.69 -20.44
C LEU C 198 -21.99 -35.71 -20.22
N PRO D 1 -11.21 -2.37 5.80
CA PRO D 1 -10.60 -3.68 5.70
C PRO D 1 -9.11 -3.54 5.58
N ASN D 2 -8.39 -4.58 6.00
CA ASN D 2 -7.00 -4.71 5.69
C ASN D 2 -6.87 -5.69 4.52
N TYR D 3 -6.27 -5.22 3.42
CA TYR D 3 -6.15 -5.98 2.18
C TYR D 3 -4.70 -6.26 1.85
N LYS D 4 -4.37 -7.50 1.52
CA LYS D 4 -3.03 -7.85 1.01
C LYS D 4 -3.20 -8.73 -0.20
N LEU D 5 -2.79 -8.20 -1.35
CA LEU D 5 -2.80 -8.92 -2.60
C LEU D 5 -1.44 -9.54 -2.87
N THR D 6 -1.43 -10.85 -3.15
CA THR D 6 -0.18 -11.53 -3.47
C THR D 6 -0.23 -12.02 -4.90
N TYR D 7 0.77 -11.64 -5.70
CA TYR D 7 0.90 -12.09 -7.06
C TYR D 7 2.37 -12.00 -7.47
N PHE D 8 2.66 -12.43 -8.68
CA PHE D 8 3.96 -12.15 -9.31
C PHE D 8 4.12 -10.65 -9.57
N ASN D 9 5.34 -10.23 -9.85
CA ASN D 9 5.60 -8.87 -10.35
C ASN D 9 5.28 -8.81 -11.84
N MET D 10 3.99 -8.66 -12.09
CA MET D 10 3.38 -8.77 -13.42
C MET D 10 2.00 -8.19 -13.26
N ARG D 11 1.43 -7.67 -14.36
CA ARG D 11 0.03 -7.29 -14.37
C ARG D 11 -0.78 -8.59 -14.28
N GLY D 12 -0.72 -9.41 -15.32
CA GLY D 12 -1.30 -10.72 -15.37
C GLY D 12 -2.70 -10.77 -14.80
N ARG D 13 -2.94 -11.76 -13.98
CA ARG D 13 -4.25 -12.05 -13.44
C ARG D 13 -4.56 -11.24 -12.19
N ALA D 14 -3.60 -10.48 -11.65
CA ALA D 14 -3.88 -9.60 -10.54
C ALA D 14 -4.36 -8.22 -10.96
N GLU D 15 -4.11 -7.84 -12.22
CA GLU D 15 -4.26 -6.45 -12.60
C GLU D 15 -5.73 -5.98 -12.49
N ILE D 16 -6.68 -6.87 -12.75
CA ILE D 16 -8.10 -6.50 -12.65
C ILE D 16 -8.38 -6.03 -11.21
N ILE D 17 -7.77 -6.71 -10.26
CA ILE D 17 -7.97 -6.37 -8.83
C ILE D 17 -7.31 -5.01 -8.56
N ARG D 18 -6.12 -4.83 -9.10
CA ARG D 18 -5.38 -3.58 -8.92
C ARG D 18 -6.15 -2.40 -9.50
N TYR D 19 -6.80 -2.59 -10.64
CA TYR D 19 -7.59 -1.51 -11.25
C TYR D 19 -8.76 -1.13 -10.37
N ILE D 20 -9.42 -2.14 -9.81
CA ILE D 20 -10.58 -1.91 -8.97
C ILE D 20 -10.18 -1.14 -7.72
N PHE D 21 -9.10 -1.54 -7.07
CA PHE D 21 -8.65 -0.78 -5.91
C PHE D 21 -8.29 0.67 -6.27
N ALA D 22 -7.62 0.88 -7.37
CA ALA D 22 -7.29 2.23 -7.83
C ALA D 22 -8.55 3.07 -8.10
N TYR D 23 -9.47 2.51 -8.86
CA TYR D 23 -10.70 3.21 -9.18
C TYR D 23 -11.54 3.60 -7.96
N LEU D 24 -11.63 2.69 -7.01
CA LEU D 24 -12.40 2.88 -5.77
C LEU D 24 -11.60 3.63 -4.70
N ASP D 25 -10.36 3.95 -4.98
CA ASP D 25 -9.47 4.65 -4.05
C ASP D 25 -9.40 3.92 -2.72
N ILE D 26 -9.07 2.64 -2.79
CA ILE D 26 -8.94 1.77 -1.62
C ILE D 26 -7.46 1.38 -1.50
N GLN D 27 -6.91 1.57 -0.30
CA GLN D 27 -5.53 1.23 0.00
C GLN D 27 -5.39 -0.27 0.20
N TYR D 28 -4.28 -0.80 -0.24
CA TYR D 28 -4.00 -2.21 -0.11
C TYR D 28 -2.49 -2.41 -0.19
N GLU D 29 -2.02 -3.56 0.31
CA GLU D 29 -0.65 -3.96 0.15
C GLU D 29 -0.53 -4.76 -1.15
N ASP D 30 0.27 -4.26 -2.09
CA ASP D 30 0.50 -4.89 -3.39
C ASP D 30 1.74 -5.73 -3.28
N HIS D 31 1.59 -6.97 -2.79
CA HIS D 31 2.74 -7.84 -2.54
C HIS D 31 3.11 -8.60 -3.77
N ARG D 32 4.31 -8.36 -4.26
CA ARG D 32 4.79 -8.95 -5.49
C ARG D 32 5.95 -9.89 -5.20
N ILE D 33 5.77 -11.15 -5.54
CA ILE D 33 6.76 -12.19 -5.21
C ILE D 33 7.63 -12.45 -6.42
N GLU D 34 8.83 -12.97 -6.17
CA GLU D 34 9.72 -13.45 -7.20
C GLU D 34 9.55 -14.95 -7.34
N GLN D 35 10.00 -15.52 -8.46
CA GLN D 35 9.97 -16.97 -8.64
C GLN D 35 10.55 -17.73 -7.43
N ALA D 36 11.66 -17.26 -6.89
CA ALA D 36 12.33 -17.94 -5.78
C ALA D 36 11.50 -18.03 -4.51
N ASP D 37 10.47 -17.19 -4.42
CA ASP D 37 9.60 -17.17 -3.27
C ASP D 37 8.48 -18.19 -3.43
N TRP D 38 8.28 -18.71 -4.64
CA TRP D 38 7.06 -19.47 -4.99
C TRP D 38 6.82 -20.70 -4.12
N PRO D 39 7.84 -21.54 -3.91
CA PRO D 39 7.45 -22.75 -3.16
C PRO D 39 6.99 -22.44 -1.77
N GLU D 40 7.65 -21.47 -1.14
CA GLU D 40 7.27 -20.96 0.16
C GLU D 40 5.84 -20.38 0.12
N ILE D 41 5.57 -19.53 -0.86
CA ILE D 41 4.27 -18.87 -0.97
C ILE D 41 3.17 -19.90 -1.23
N LYS D 42 3.46 -20.84 -2.14
CA LYS D 42 2.47 -21.79 -2.65
C LYS D 42 1.90 -22.65 -1.52
N SER D 43 2.75 -22.94 -0.54
CA SER D 43 2.30 -23.69 0.63
C SER D 43 1.19 -22.97 1.42
N THR D 44 0.97 -21.68 1.19
CA THR D 44 -0.10 -20.89 1.85
C THR D 44 -1.37 -20.65 1.02
N LEU D 45 -1.41 -21.22 -0.18
CA LEU D 45 -2.45 -20.94 -1.15
C LEU D 45 -3.44 -22.08 -1.06
N PRO D 46 -4.74 -21.76 -1.07
CA PRO D 46 -5.73 -22.81 -0.89
C PRO D 46 -5.76 -23.82 -2.04
N PHE D 47 -5.45 -23.36 -3.24
CA PHE D 47 -5.48 -24.23 -4.40
C PHE D 47 -4.22 -24.11 -5.23
N GLY D 48 -3.13 -23.72 -4.58
CA GLY D 48 -1.84 -23.68 -5.20
C GLY D 48 -1.70 -22.64 -6.31
N LYS D 49 -2.58 -21.64 -6.33
CA LYS D 49 -2.56 -20.59 -7.39
C LYS D 49 -2.65 -19.19 -6.80
N ILE D 50 -2.08 -18.28 -7.55
CA ILE D 50 -2.17 -16.84 -7.28
C ILE D 50 -2.88 -16.18 -8.49
N PRO D 51 -3.52 -15.04 -8.26
CA PRO D 51 -3.49 -14.23 -7.03
C PRO D 51 -4.34 -14.77 -5.89
N ILE D 52 -3.99 -14.34 -4.69
CA ILE D 52 -4.86 -14.41 -3.53
C ILE D 52 -5.00 -12.98 -2.97
N LEU D 53 -6.09 -12.74 -2.25
CA LEU D 53 -6.28 -11.49 -1.52
C LEU D 53 -6.65 -11.88 -0.09
N GLU D 54 -5.84 -11.45 0.85
CA GLU D 54 -6.15 -11.58 2.27
C GLU D 54 -6.95 -10.37 2.71
N VAL D 55 -8.05 -10.65 3.41
CA VAL D 55 -9.01 -9.66 3.86
C VAL D 55 -9.24 -9.87 5.35
N ASP D 56 -8.70 -8.98 6.19
CA ASP D 56 -8.84 -9.08 7.65
C ASP D 56 -8.51 -10.52 8.12
N GLY D 57 -7.42 -11.07 7.59
CA GLY D 57 -6.93 -12.35 8.06
C GLY D 57 -7.48 -13.59 7.38
N LEU D 58 -8.40 -13.42 6.43
CA LEU D 58 -8.99 -14.54 5.73
C LEU D 58 -8.63 -14.48 4.27
N THR D 59 -8.41 -15.63 3.66
CA THR D 59 -7.90 -15.68 2.30
C THR D 59 -8.99 -15.92 1.25
N LEU D 60 -9.02 -15.04 0.27
CA LEU D 60 -9.79 -15.19 -0.96
C LEU D 60 -8.85 -15.59 -2.08
N HIS D 61 -9.36 -16.36 -3.03
CA HIS D 61 -8.62 -16.71 -4.21
C HIS D 61 -9.54 -16.58 -5.44
N GLN D 62 -8.96 -16.76 -6.64
CA GLN D 62 -9.57 -16.66 -7.97
C GLN D 62 -9.78 -15.22 -8.34
N SER D 63 -9.00 -14.77 -9.30
CA SER D 63 -8.98 -13.36 -9.66
C SER D 63 -10.36 -12.74 -9.95
N LEU D 64 -11.19 -13.46 -10.67
CA LEU D 64 -12.48 -12.90 -11.05
C LEU D 64 -13.49 -12.97 -9.92
N ALA D 65 -13.41 -14.03 -9.09
CA ALA D 65 -14.20 -14.11 -7.85
C ALA D 65 -13.87 -12.90 -6.97
N ILE D 66 -12.59 -12.59 -6.86
CA ILE D 66 -12.17 -11.46 -6.01
C ILE D 66 -12.66 -10.14 -6.62
N ALA D 67 -12.51 -9.98 -7.95
CA ALA D 67 -12.93 -8.76 -8.61
C ALA D 67 -14.43 -8.54 -8.41
N ARG D 68 -15.23 -9.60 -8.54
CA ARG D 68 -16.67 -9.51 -8.34
C ARG D 68 -16.98 -9.11 -6.89
N TYR D 69 -16.30 -9.71 -5.93
CA TYR D 69 -16.44 -9.37 -4.50
C TYR D 69 -16.16 -7.89 -4.26
N LEU D 70 -15.08 -7.37 -4.85
CA LEU D 70 -14.69 -5.98 -4.59
C LEU D 70 -15.62 -4.97 -5.27
N THR D 71 -16.32 -5.37 -6.33
CA THR D 71 -17.20 -4.44 -7.05
C THR D 71 -18.65 -4.53 -6.65
N LYS D 72 -19.02 -5.47 -5.80
CA LYS D 72 -20.42 -5.54 -5.36
C LYS D 72 -20.79 -4.25 -4.65
N ASN D 73 -21.99 -3.74 -4.98
CA ASN D 73 -22.49 -2.49 -4.38
C ASN D 73 -21.62 -1.28 -4.67
N THR D 74 -20.90 -1.33 -5.79
CA THR D 74 -20.16 -0.19 -6.29
C THR D 74 -20.64 0.16 -7.69
N ASP D 75 -20.21 1.32 -8.18
CA ASP D 75 -20.56 1.75 -9.52
C ASP D 75 -19.90 0.94 -10.61
N LEU D 76 -18.92 0.11 -10.26
CA LEU D 76 -18.34 -0.81 -11.24
C LEU D 76 -19.15 -2.07 -11.53
N ALA D 77 -20.15 -2.36 -10.71
CA ALA D 77 -21.03 -3.45 -10.96
C ALA D 77 -22.04 -3.03 -12.05
N GLY D 78 -22.62 -4.04 -12.68
CA GLY D 78 -23.80 -3.81 -13.51
C GLY D 78 -24.90 -3.17 -12.69
N ASN D 79 -25.73 -2.37 -13.37
CA ASN D 79 -26.71 -1.53 -12.66
C ASN D 79 -27.98 -2.27 -12.30
N THR D 80 -28.14 -3.47 -12.87
CA THR D 80 -29.26 -4.37 -12.60
C THR D 80 -28.77 -5.80 -12.61
N GLU D 81 -29.61 -6.73 -12.17
CA GLU D 81 -29.23 -8.15 -12.12
C GLU D 81 -28.93 -8.70 -13.50
N MET D 82 -29.71 -8.32 -14.48
CA MET D 82 -29.44 -8.70 -15.85
C MET D 82 -28.08 -8.14 -16.34
N GLU D 83 -27.83 -6.87 -16.08
CA GLU D 83 -26.56 -6.31 -16.52
C GLU D 83 -25.40 -6.99 -15.78
N GLN D 84 -25.60 -7.36 -14.52
CA GLN D 84 -24.54 -8.06 -13.77
C GLN D 84 -24.23 -9.40 -14.43
N CYS D 85 -25.24 -10.09 -14.94
CA CYS D 85 -25.01 -11.30 -15.68
C CYS D 85 -24.20 -11.05 -16.96
N HIS D 86 -24.53 -10.00 -17.69
CA HIS D 86 -23.80 -9.66 -18.88
C HIS D 86 -22.35 -9.28 -18.57
N VAL D 87 -22.12 -8.57 -17.46
CA VAL D 87 -20.76 -8.27 -17.03
C VAL D 87 -19.96 -9.55 -16.79
N ASP D 88 -20.53 -10.44 -16.01
CA ASP D 88 -19.92 -11.72 -15.73
C ASP D 88 -19.67 -12.51 -17.01
N ALA D 89 -20.60 -12.50 -17.95
CA ALA D 89 -20.47 -13.33 -19.15
C ALA D 89 -19.38 -12.80 -20.06
N ILE D 90 -19.34 -11.48 -20.26
CA ILE D 90 -18.27 -10.88 -21.08
C ILE D 90 -16.91 -11.17 -20.44
N VAL D 91 -16.81 -11.05 -19.13
CA VAL D 91 -15.55 -11.32 -18.45
C VAL D 91 -15.12 -12.76 -18.68
N ASP D 92 -16.03 -13.72 -18.51
CA ASP D 92 -15.70 -15.13 -18.72
C ASP D 92 -15.37 -15.44 -20.17
N THR D 93 -16.03 -14.77 -21.12
CA THR D 93 -15.69 -14.94 -22.54
C THR D 93 -14.26 -14.47 -22.82
N LEU D 94 -13.87 -13.33 -22.26
CA LEU D 94 -12.50 -12.84 -22.36
C LEU D 94 -11.55 -13.82 -21.66
N ASP D 95 -11.91 -14.21 -20.45
CA ASP D 95 -11.02 -15.07 -19.66
C ASP D 95 -10.83 -16.46 -20.29
N ASP D 96 -11.87 -16.98 -20.93
CA ASP D 96 -11.77 -18.27 -21.61
C ASP D 96 -10.70 -18.19 -22.68
N PHE D 97 -10.71 -17.10 -23.44
CA PHE D 97 -9.72 -16.97 -24.52
C PHE D 97 -8.33 -16.84 -23.97
N MET D 98 -8.17 -16.02 -22.95
CA MET D 98 -6.83 -15.85 -22.32
C MET D 98 -6.28 -17.17 -21.79
N SER D 99 -7.19 -18.05 -21.35
CA SER D 99 -6.84 -19.37 -20.83
C SER D 99 -6.37 -20.33 -21.93
N CYS D 100 -6.61 -20.02 -23.19
CA CYS D 100 -6.06 -20.84 -24.29
C CYS D 100 -4.56 -20.73 -24.44
N PHE D 101 -3.98 -19.64 -23.96
CA PHE D 101 -2.56 -19.38 -24.22
C PHE D 101 -1.68 -20.15 -23.27
N PRO D 102 -0.60 -20.73 -23.81
CA PRO D 102 0.29 -21.53 -22.97
C PRO D 102 1.31 -20.68 -22.23
N TRP D 103 0.85 -19.92 -21.25
CA TRP D 103 1.68 -18.94 -20.58
C TRP D 103 2.95 -19.52 -19.97
N ALA D 104 2.86 -20.72 -19.45
CA ALA D 104 3.97 -21.32 -18.67
C ALA D 104 4.80 -22.32 -19.48
N GLU D 105 4.52 -22.45 -20.77
CA GLU D 105 5.25 -23.38 -21.62
C GLU D 105 6.75 -23.09 -21.66
N LYS D 106 7.55 -24.10 -21.37
CA LYS D 106 9.02 -23.93 -21.31
C LYS D 106 9.71 -23.95 -22.66
N LYS D 107 9.17 -24.67 -23.63
CA LYS D 107 9.74 -24.68 -25.00
C LYS D 107 9.27 -23.46 -25.77
N GLN D 108 10.18 -22.50 -25.92
CA GLN D 108 9.86 -21.19 -26.50
C GLN D 108 9.30 -21.29 -27.91
N ASP D 109 9.86 -22.22 -28.70
CA ASP D 109 9.43 -22.44 -30.07
C ASP D 109 7.97 -22.93 -30.14
N VAL D 110 7.64 -23.89 -29.27
CA VAL D 110 6.30 -24.42 -29.17
C VAL D 110 5.33 -23.38 -28.64
N LYS D 111 5.77 -22.61 -27.65
CA LYS D 111 4.98 -21.49 -27.11
C LYS D 111 4.66 -20.43 -28.17
N GLU D 112 5.68 -19.97 -28.88
CA GLU D 112 5.52 -18.93 -29.89
C GLU D 112 4.57 -19.38 -30.99
N GLN D 113 4.74 -20.61 -31.45
CA GLN D 113 3.89 -21.15 -32.49
C GLN D 113 2.43 -21.10 -32.07
N MET D 114 2.16 -21.56 -30.85
CA MET D 114 0.78 -21.58 -30.37
C MET D 114 0.19 -20.18 -30.23
N PHE D 115 0.98 -19.26 -29.67
CA PHE D 115 0.57 -17.86 -29.58
C PHE D 115 0.17 -17.32 -30.95
N ASN D 116 1.04 -17.53 -31.93
CA ASN D 116 0.83 -16.93 -33.22
C ASN D 116 -0.41 -17.55 -33.90
N GLU D 117 -0.60 -18.86 -33.77
CA GLU D 117 -1.78 -19.53 -34.28
C GLU D 117 -3.07 -18.99 -33.59
N LEU D 118 -3.07 -18.92 -32.26
CA LEU D 118 -4.26 -18.38 -31.55
C LEU D 118 -4.59 -16.96 -31.99
N LEU D 119 -3.58 -16.13 -32.13
CA LEU D 119 -3.78 -14.70 -32.44
C LEU D 119 -4.17 -14.46 -33.90
N THR D 120 -3.76 -15.36 -34.81
CA THR D 120 -4.07 -15.21 -36.21
C THR D 120 -5.36 -15.93 -36.57
N TYR D 121 -5.58 -17.13 -36.05
CA TYR D 121 -6.74 -17.94 -36.47
C TYR D 121 -7.96 -17.87 -35.56
N ASN D 122 -7.74 -17.56 -34.29
CA ASN D 122 -8.83 -17.56 -33.36
C ASN D 122 -9.26 -16.19 -32.87
N ALA D 123 -8.27 -15.34 -32.54
CA ALA D 123 -8.57 -14.02 -32.04
C ALA D 123 -9.51 -13.19 -32.92
N PRO D 124 -9.35 -13.23 -34.26
CA PRO D 124 -10.24 -12.35 -35.05
C PRO D 124 -11.71 -12.58 -34.85
N HIS D 125 -12.10 -13.84 -34.64
CA HIS D 125 -13.49 -14.18 -34.43
C HIS D 125 -14.00 -13.58 -33.14
N LEU D 126 -13.19 -13.65 -32.08
CA LEU D 126 -13.55 -13.00 -30.82
C LEU D 126 -13.61 -11.47 -30.94
N MET D 127 -12.64 -10.87 -31.61
CA MET D 127 -12.65 -9.42 -31.76
C MET D 127 -13.91 -9.00 -32.51
N GLN D 128 -14.27 -9.74 -33.54
CA GLN D 128 -15.48 -9.40 -34.28
C GLN D 128 -16.71 -9.52 -33.42
N ASP D 129 -16.80 -10.59 -32.65
CA ASP D 129 -17.95 -10.79 -31.79
C ASP D 129 -18.04 -9.69 -30.74
N LEU D 130 -16.90 -9.24 -30.23
CA LEU D 130 -16.89 -8.19 -29.22
C LEU D 130 -17.32 -6.85 -29.82
N ASP D 131 -16.82 -6.56 -31.01
CA ASP D 131 -17.17 -5.33 -31.73
C ASP D 131 -18.66 -5.31 -32.03
N THR D 132 -19.20 -6.42 -32.53
CA THR D 132 -20.63 -6.49 -32.85
C THR D 132 -21.47 -6.31 -31.59
N TYR D 133 -21.02 -6.91 -30.51
CA TYR D 133 -21.71 -6.80 -29.22
C TYR D 133 -21.71 -5.37 -28.69
N LEU D 134 -20.58 -4.69 -28.80
CA LEU D 134 -20.44 -3.30 -28.33
C LEU D 134 -21.32 -2.38 -29.20
N GLY D 135 -21.36 -2.65 -30.51
CA GLY D 135 -22.06 -1.77 -31.47
C GLY D 135 -21.58 -0.36 -31.29
N GLY D 136 -22.50 0.58 -31.31
CA GLY D 136 -22.15 1.99 -31.14
C GLY D 136 -22.24 2.51 -29.72
N ARG D 137 -22.27 1.62 -28.74
CA ARG D 137 -22.46 2.02 -27.34
C ARG D 137 -21.14 2.49 -26.73
N GLU D 138 -21.23 3.29 -25.68
CA GLU D 138 -20.07 3.87 -25.03
C GLU D 138 -19.26 2.82 -24.25
N TRP D 139 -19.97 1.96 -23.53
CA TRP D 139 -19.37 0.93 -22.67
C TRP D 139 -19.99 -0.42 -23.02
N LEU D 140 -19.33 -1.50 -22.62
CA LEU D 140 -19.83 -2.83 -22.97
C LEU D 140 -21.23 -3.13 -22.42
N ILE D 141 -21.46 -2.74 -21.18
CA ILE D 141 -22.74 -2.97 -20.48
C ILE D 141 -23.24 -1.70 -19.80
N GLY D 142 -24.52 -1.41 -20.04
CA GLY D 142 -25.19 -0.29 -19.42
C GLY D 142 -24.70 1.06 -19.90
N ASN D 143 -24.93 2.08 -19.10
CA ASN D 143 -24.60 3.45 -19.51
C ASN D 143 -23.40 4.07 -18.82
N SER D 144 -22.66 3.26 -18.04
CA SER D 144 -21.43 3.69 -17.39
C SER D 144 -20.45 2.52 -17.35
N VAL D 145 -19.23 2.87 -16.99
CA VAL D 145 -18.14 1.91 -16.99
C VAL D 145 -18.43 0.80 -15.98
N THR D 146 -18.10 -0.44 -16.38
CA THR D 146 -18.10 -1.56 -15.44
C THR D 146 -16.74 -2.21 -15.43
N TRP D 147 -16.54 -3.16 -14.52
CA TRP D 147 -15.27 -3.87 -14.52
C TRP D 147 -15.11 -4.81 -15.71
N ALA D 148 -16.16 -5.05 -16.52
CA ALA D 148 -15.96 -5.73 -17.77
C ALA D 148 -15.17 -4.84 -18.77
N ASP D 149 -15.38 -3.54 -18.75
CA ASP D 149 -14.60 -2.61 -19.58
C ASP D 149 -13.13 -2.63 -19.15
N PHE D 150 -12.91 -2.63 -17.84
CA PHE D 150 -11.55 -2.78 -17.31
C PHE D 150 -10.90 -4.06 -17.82
N TYR D 151 -11.67 -5.14 -17.79
CA TYR D 151 -11.10 -6.43 -18.16
C TYR D 151 -10.77 -6.45 -19.65
N TRP D 152 -11.62 -5.84 -20.46
CA TRP D 152 -11.30 -5.71 -21.89
C TRP D 152 -9.98 -4.98 -22.08
N GLU D 153 -9.80 -3.87 -21.38
CA GLU D 153 -8.56 -3.12 -21.54
C GLU D 153 -7.31 -3.88 -21.10
N ILE D 154 -7.47 -4.62 -19.99
CA ILE D 154 -6.33 -5.40 -19.43
C ILE D 154 -5.95 -6.54 -20.40
N CYS D 155 -6.96 -7.30 -20.83
CA CYS D 155 -6.70 -8.44 -21.70
C CYS D 155 -6.17 -7.98 -23.03
N SER D 156 -6.79 -6.96 -23.60
CA SER D 156 -6.33 -6.48 -24.89
C SER D 156 -4.92 -5.90 -24.81
N THR D 157 -4.55 -5.26 -23.69
CA THR D 157 -3.18 -4.81 -23.52
C THR D 157 -2.19 -5.97 -23.63
N THR D 158 -2.47 -7.07 -22.96
CA THR D 158 -1.64 -8.27 -23.02
C THR D 158 -1.54 -8.80 -24.46
N LEU D 159 -2.68 -8.92 -25.12
CA LEU D 159 -2.72 -9.51 -26.47
C LEU D 159 -1.98 -8.63 -27.47
N LEU D 160 -2.10 -7.31 -27.35
CA LEU D 160 -1.40 -6.38 -28.22
C LEU D 160 0.11 -6.47 -28.14
N VAL D 161 0.65 -6.91 -27.01
CA VAL D 161 2.11 -7.18 -26.91
C VAL D 161 2.53 -8.19 -27.98
N PHE D 162 1.70 -9.20 -28.22
CA PHE D 162 2.04 -10.29 -29.13
C PHE D 162 1.48 -10.12 -30.53
N LYS D 163 0.42 -9.31 -30.67
CA LYS D 163 -0.25 -9.12 -31.95
C LYS D 163 -0.60 -7.63 -32.09
N PRO D 164 0.37 -6.82 -32.50
CA PRO D 164 0.15 -5.40 -32.59
C PRO D 164 -1.06 -4.94 -33.41
N ASP D 165 -1.38 -5.68 -34.48
CA ASP D 165 -2.48 -5.32 -35.38
C ASP D 165 -3.85 -5.90 -34.98
N LEU D 166 -3.91 -6.47 -33.76
CA LEU D 166 -5.12 -7.10 -33.25
C LEU D 166 -6.42 -6.32 -33.55
N LEU D 167 -6.36 -5.01 -33.38
CA LEU D 167 -7.54 -4.16 -33.38
C LEU D 167 -7.53 -3.22 -34.56
N ASP D 168 -6.69 -3.51 -35.56
CA ASP D 168 -6.66 -2.63 -36.74
C ASP D 168 -8.01 -2.60 -37.48
N ASN D 169 -8.80 -3.67 -37.41
CA ASN D 169 -10.17 -3.70 -38.00
C ASN D 169 -11.28 -3.25 -37.06
N HIS D 170 -10.91 -2.81 -35.85
CA HIS D 170 -11.88 -2.62 -34.79
C HIS D 170 -11.62 -1.34 -34.03
N PRO D 171 -11.71 -0.18 -34.69
CA PRO D 171 -11.48 1.11 -34.03
C PRO D 171 -12.42 1.34 -32.80
N ARG D 172 -13.64 0.82 -32.83
CA ARG D 172 -14.54 1.00 -31.71
C ARG D 172 -13.98 0.33 -30.45
N LEU D 173 -13.29 -0.80 -30.60
CA LEU D 173 -12.68 -1.47 -29.44
C LEU D 173 -11.45 -0.71 -28.97
N VAL D 174 -10.72 -0.01 -29.84
CA VAL D 174 -9.61 0.86 -29.48
C VAL D 174 -10.13 2.07 -28.68
N THR D 175 -11.19 2.71 -29.18
CA THR D 175 -11.83 3.79 -28.46
C THR D 175 -12.20 3.41 -27.03
N LEU D 176 -12.77 2.22 -26.88
CA LEU D 176 -13.13 1.71 -25.55
C LEU D 176 -11.90 1.59 -24.65
N ARG D 177 -10.80 1.03 -25.15
CA ARG D 177 -9.55 1.01 -24.42
C ARG D 177 -9.13 2.37 -23.96
N LYS D 178 -9.15 3.34 -24.87
CA LYS D 178 -8.70 4.69 -24.54
C LYS D 178 -9.57 5.36 -23.50
N LYS D 179 -10.85 5.07 -23.53
CA LYS D 179 -11.74 5.62 -22.51
C LYS D 179 -11.42 5.08 -21.12
N VAL D 180 -11.17 3.76 -21.04
CA VAL D 180 -10.80 3.15 -19.76
C VAL D 180 -9.48 3.76 -19.29
N GLN D 181 -8.52 3.89 -20.19
CA GLN D 181 -7.22 4.45 -19.87
C GLN D 181 -7.23 5.93 -19.42
N ALA D 182 -8.28 6.65 -19.85
CA ALA D 182 -8.48 8.05 -19.50
C ALA D 182 -9.15 8.32 -18.17
N ILE D 183 -9.83 7.33 -17.61
CA ILE D 183 -10.46 7.52 -16.32
C ILE D 183 -9.36 7.95 -15.34
N PRO D 184 -9.51 9.08 -14.64
CA PRO D 184 -8.33 9.59 -13.95
C PRO D 184 -7.63 8.63 -12.96
N ALA D 185 -8.40 7.91 -12.14
CA ALA D 185 -7.81 7.01 -11.17
C ALA D 185 -7.08 5.86 -11.89
N VAL D 186 -7.63 5.43 -13.01
CA VAL D 186 -7.00 4.36 -13.79
C VAL D 186 -5.76 4.88 -14.48
N ALA D 187 -5.85 6.05 -15.12
CA ALA D 187 -4.68 6.68 -15.72
C ALA D 187 -3.52 6.84 -14.73
N ASN D 188 -3.83 7.25 -13.51
CA ASN D 188 -2.80 7.41 -12.54
C ASN D 188 -2.13 6.09 -12.18
N TRP D 189 -2.95 5.04 -12.03
CA TRP D 189 -2.39 3.72 -11.77
C TRP D 189 -1.51 3.24 -12.93
N ILE D 190 -1.98 3.42 -14.14
CA ILE D 190 -1.27 3.03 -15.34
C ILE D 190 0.11 3.70 -15.39
N LYS D 191 0.18 4.95 -14.97
CA LYS D 191 1.38 5.74 -15.03
C LYS D 191 2.36 5.30 -13.98
N ARG D 192 1.86 4.94 -12.80
CA ARG D 192 2.72 4.67 -11.65
C ARG D 192 3.09 3.21 -11.45
N ARG D 193 2.31 2.28 -11.99
CA ARG D 193 2.50 0.86 -11.72
C ARG D 193 3.88 0.40 -12.19
N PRO D 194 4.43 -0.66 -11.59
CA PRO D 194 5.71 -1.23 -12.08
C PRO D 194 5.60 -1.63 -13.55
N GLN D 195 6.59 -1.30 -14.36
CA GLN D 195 6.56 -1.66 -15.77
C GLN D 195 7.06 -3.08 -15.96
N THR D 196 6.16 -3.96 -16.37
CA THR D 196 6.45 -5.36 -16.63
C THR D 196 5.98 -5.73 -18.01
N LYS D 197 6.54 -6.80 -18.59
CA LYS D 197 6.13 -7.15 -19.94
C LYS D 197 4.64 -7.53 -19.94
N LEU D 198 4.28 -8.45 -19.03
CA LEU D 198 2.93 -8.98 -18.92
C LEU D 198 2.28 -8.59 -17.62
#